data_5WHK
#
_entry.id   5WHK
#
_cell.length_a   59.560
_cell.length_b   70.450
_cell.length_c   256.570
_cell.angle_alpha   90.000
_cell.angle_beta   90.000
_cell.angle_gamma   90.000
#
_symmetry.space_group_name_H-M   'P 21 21 21'
#
loop_
_entity.id
_entity.type
_entity.pdbx_description
1 polymer 'DX-2507 Fab heavy chain'
2 polymer 'DX-2507 Fab light chain'
3 polymer 'IgG receptor FcRn large subunit p51'
4 polymer Beta-2-microglobulin
5 non-polymer 1,2-ETHANEDIOL
6 non-polymer '2-[N-CYCLOHEXYLAMINO]ETHANE SULFONIC ACID'
7 water water
#
loop_
_entity_poly.entity_id
_entity_poly.type
_entity_poly.pdbx_seq_one_letter_code
_entity_poly.pdbx_strand_id
1 'polypeptide(L)'
;EVQLLESGGGLVQPGGSLRLSCAASGFTFSEYAMGWVRQAPGKGLEWVSSIGSSGGQTKYADSVKGRFTISRDNSKNTLY
LQMNSLRAEDTAVYYCARLAIGDSYWGQGTMVTVSSASTKGPSVFPLAPSSKSTSGGTAALGCLVKDYFPEPVTVSWNSG
ALTSGVHTFPAVLQSSGLYSLSSVVTVPSSSLGTQTYICNVNHKPSNTKVDKRVEPKSC
;
H
2 'polypeptide(L)'
;QSALTQPASVSGSPGQSITISCTGTGSDVGSYNLVSWYQQHPGKAPKLMIYGDSQRPSGVSNRFSGSKSGNTASLTISGL
QAEDEADYYCASYAGSGIYVFGTGTKVTVLGQPKANPTVTLFPPSSEELQANKATLVCLISDFYPGAVTVAWKADGSPVK
AGVETTKPSKQSNNKYAASSYLSLTPEQWKSHRSYSCQVTHEGSTVEKTVAPTECS
;
L
3 'polypeptide(L)'
;MGVPRPQPWALGLLLFLLPGSLGAESHLSLLYHLTAVSSPAPGTPAFWVSGWLGPQQYLSYNSLRGEAEPCGAWVWENQV
SWYWEKETTDLRIKEKLFLEAFKALGGKGPYTLQGLLGCELGPDNTSVPTAKFALNGEEFMNFDLKQGTWGGDWPEALAI
SQRWQQQDKAANKELTFLLFSCPHRLREHLERGRGNLEWKEPPSMRLKARPSSPGFSVLTCSAFSFYPPELQLRFLRNGL
AAGTGQGDFGPNSDGSFHASSSLTVKSGDEHHYCCIVQHAGLAQPLRVELESPAKSS
;
A
4 'polypeptide(L)'
;MSRSVALAVLALLSLSGLEAIQRTPKIQVYSRHPAENGKSNFLNCYVSGFHPSDIEVDLLKNGERIEKVEHSDLSFSKDW
SFYLLYYTEFTPTEKDEYACRVNHVTLSQPKIVKWDRDM
;
B
#
# COMPACT_ATOMS: atom_id res chain seq x y z
N GLU A 1 0.80 25.00 -4.81
CA GLU A 1 1.83 24.25 -4.09
C GLU A 1 1.20 23.28 -3.11
N VAL A 2 1.49 21.99 -3.27
CA VAL A 2 0.99 20.99 -2.34
C VAL A 2 1.58 21.25 -0.96
N GLN A 3 0.71 21.27 0.06
CA GLN A 3 1.14 21.52 1.43
C GLN A 3 0.41 20.57 2.37
N LEU A 4 1.16 19.98 3.30
CA LEU A 4 0.60 19.15 4.36
C LEU A 4 1.13 19.63 5.69
N LEU A 5 0.24 19.81 6.67
CA LEU A 5 0.59 20.43 7.96
C LEU A 5 0.09 19.54 9.09
N GLU A 6 1.01 18.76 9.68
CA GLU A 6 0.68 17.96 10.85
C GLU A 6 0.57 18.83 12.11
N SER A 7 -0.24 18.36 13.04
CA SER A 7 -0.35 18.98 14.36
C SER A 7 -1.00 17.98 15.28
N GLY A 8 -0.90 18.24 16.59
CA GLY A 8 -1.45 17.39 17.61
C GLY A 8 -0.42 16.59 18.38
N GLY A 9 0.85 16.60 17.96
CA GLY A 9 1.87 15.85 18.68
C GLY A 9 2.14 16.44 20.06
N GLY A 10 2.56 15.57 20.97
CA GLY A 10 2.89 16.02 22.31
C GLY A 10 3.33 14.85 23.17
N LEU A 11 3.45 15.10 24.47
CA LEU A 11 3.71 14.07 25.46
C LEU A 11 2.40 13.41 25.89
N VAL A 12 2.47 12.11 26.18
CA VAL A 12 1.32 11.31 26.60
C VAL A 12 1.81 10.21 27.51
N GLN A 13 1.08 9.99 28.59
CA GLN A 13 1.36 8.83 29.43
C GLN A 13 0.94 7.55 28.71
N PRO A 14 1.65 6.44 28.95
CA PRO A 14 1.25 5.16 28.35
C PRO A 14 -0.13 4.75 28.85
N GLY A 15 -0.94 4.25 27.91
CA GLY A 15 -2.34 4.02 28.17
C GLY A 15 -3.24 5.19 27.80
N GLY A 16 -2.66 6.38 27.63
CA GLY A 16 -3.43 7.54 27.20
C GLY A 16 -3.71 7.51 25.72
N SER A 17 -4.35 8.58 25.25
CA SER A 17 -4.74 8.66 23.87
C SER A 17 -4.37 10.03 23.31
N LEU A 18 -4.32 10.11 21.99
CA LEU A 18 -3.94 11.35 21.32
C LEU A 18 -4.50 11.30 19.91
N ARG A 19 -4.86 12.48 19.38
CA ARG A 19 -5.45 12.60 18.06
C ARG A 19 -4.61 13.54 17.21
N LEU A 20 -4.00 13.01 16.16
CA LEU A 20 -3.22 13.81 15.23
C LEU A 20 -4.11 14.27 14.09
N SER A 21 -3.80 15.45 13.56
CA SER A 21 -4.52 15.96 12.41
C SER A 21 -3.52 16.49 11.40
N CYS A 22 -3.94 16.48 10.14
CA CYS A 22 -3.12 16.95 9.04
C CYS A 22 -4.00 17.82 8.17
N ALA A 23 -3.61 19.09 8.01
CA ALA A 23 -4.32 20.03 7.18
C ALA A 23 -3.72 20.00 5.78
N ALA A 24 -4.56 19.78 4.77
CA ALA A 24 -4.10 19.69 3.40
C ALA A 24 -4.57 20.87 2.57
N SER A 25 -3.77 21.26 1.59
CA SER A 25 -4.14 22.30 0.64
C SER A 25 -3.26 22.15 -0.60
N GLY A 26 -3.68 22.81 -1.67
CA GLY A 26 -2.90 22.84 -2.89
C GLY A 26 -3.16 21.71 -3.85
N PHE A 27 -4.18 20.88 -3.61
CA PHE A 27 -4.56 19.81 -4.52
C PHE A 27 -5.97 19.38 -4.17
N THR A 28 -6.63 18.69 -5.10
CA THR A 28 -7.99 18.18 -4.83
C THR A 28 -7.87 17.05 -3.81
N PHE A 29 -8.11 17.37 -2.54
CA PHE A 29 -7.90 16.43 -1.44
C PHE A 29 -8.69 15.13 -1.63
N SER A 30 -9.97 15.24 -2.03
CA SER A 30 -10.84 14.07 -2.07
C SER A 30 -10.52 13.12 -3.22
N GLU A 31 -9.58 13.46 -4.11
CA GLU A 31 -9.14 12.51 -5.12
C GLU A 31 -8.04 11.59 -4.61
N TYR A 32 -7.39 11.91 -3.50
CA TYR A 32 -6.19 11.19 -3.08
C TYR A 32 -6.44 10.38 -1.82
N ALA A 33 -6.03 9.13 -1.87
CA ALA A 33 -5.78 8.37 -0.66
C ALA A 33 -4.68 9.06 0.14
N MET A 34 -4.74 8.89 1.44
CA MET A 34 -3.84 9.56 2.37
C MET A 34 -3.34 8.51 3.35
N GLY A 35 -2.18 8.78 3.94
CA GLY A 35 -1.62 7.84 4.90
C GLY A 35 -0.75 8.51 5.94
N TRP A 36 -0.44 7.73 6.98
CA TRP A 36 0.49 8.13 8.03
C TRP A 36 1.70 7.20 8.03
N VAL A 37 2.89 7.80 8.14
CA VAL A 37 4.16 7.08 8.30
C VAL A 37 4.85 7.63 9.54
N ARG A 38 5.47 6.77 10.34
CA ARG A 38 6.10 7.26 11.56
C ARG A 38 7.57 6.84 11.61
N GLN A 39 8.33 7.51 12.48
CA GLN A 39 9.77 7.23 12.60
C GLN A 39 10.21 7.50 14.03
N ALA A 40 10.54 6.43 14.75
CA ALA A 40 11.07 6.60 16.10
C ALA A 40 12.46 7.22 16.00
N PRO A 41 12.86 8.02 17.00
CA PRO A 41 14.13 8.75 16.90
C PRO A 41 15.31 7.81 16.68
N GLY A 42 16.05 8.06 15.60
CA GLY A 42 17.18 7.24 15.25
C GLY A 42 16.86 5.91 14.61
N LYS A 43 15.61 5.68 14.22
CA LYS A 43 15.15 4.41 13.67
C LYS A 43 14.61 4.64 12.26
N GLY A 44 14.07 3.57 11.68
CA GLY A 44 13.64 3.63 10.29
C GLY A 44 12.18 4.05 10.14
N LEU A 45 11.81 4.31 8.90
CA LEU A 45 10.43 4.63 8.57
C LEU A 45 9.54 3.40 8.77
N GLU A 46 8.32 3.63 9.24
CA GLU A 46 7.35 2.57 9.45
C GLU A 46 5.99 3.05 8.99
N TRP A 47 5.45 2.40 7.95
CA TRP A 47 4.09 2.70 7.53
C TRP A 47 3.12 2.33 8.64
N VAL A 48 2.20 3.24 8.94
CA VAL A 48 1.24 3.11 10.03
C VAL A 48 -0.15 2.78 9.50
N SER A 49 -0.65 3.57 8.56
CA SER A 49 -2.04 3.45 8.19
C SER A 49 -2.27 4.18 6.88
N SER A 50 -3.28 3.73 6.13
CA SER A 50 -3.71 4.37 4.90
C SER A 50 -5.23 4.43 4.89
N ILE A 51 -5.78 5.49 4.28
CA ILE A 51 -7.22 5.60 4.10
C ILE A 51 -7.49 5.97 2.66
N GLY A 52 -8.54 5.37 2.09
CA GLY A 52 -8.85 5.62 0.70
C GLY A 52 -9.41 7.02 0.48
N SER A 53 -9.42 7.43 -0.79
CA SER A 53 -9.73 8.81 -1.13
C SER A 53 -11.12 9.22 -0.63
N SER A 54 -12.05 8.27 -0.54
CA SER A 54 -13.41 8.55 -0.10
C SER A 54 -13.61 8.34 1.39
N GLY A 55 -12.59 7.85 2.09
CA GLY A 55 -12.76 7.46 3.48
C GLY A 55 -13.35 6.09 3.68
N GLY A 56 -13.84 5.46 2.60
CA GLY A 56 -14.58 4.20 2.73
C GLY A 56 -13.74 3.01 3.09
N GLN A 57 -12.44 3.07 2.82
CA GLN A 57 -11.56 1.94 3.09
C GLN A 57 -10.34 2.41 3.87
N THR A 58 -9.94 1.59 4.85
CA THR A 58 -8.79 1.88 5.69
C THR A 58 -7.88 0.66 5.79
N LYS A 59 -6.59 0.91 6.02
CA LYS A 59 -5.61 -0.15 6.20
C LYS A 59 -4.66 0.24 7.32
N TYR A 60 -4.20 -0.77 8.07
CA TYR A 60 -3.39 -0.57 9.26
C TYR A 60 -2.24 -1.55 9.28
N ALA A 61 -1.06 -1.09 9.70
CA ALA A 61 0.03 -1.99 10.03
C ALA A 61 -0.31 -2.82 11.27
N ASP A 62 0.26 -4.02 11.35
CA ASP A 62 -0.11 -4.91 12.44
C ASP A 62 0.24 -4.34 13.79
N SER A 63 1.32 -3.56 13.87
CA SER A 63 1.76 -3.02 15.14
C SER A 63 0.79 -1.99 15.71
N VAL A 64 -0.32 -1.73 15.04
CA VAL A 64 -1.15 -0.57 15.32
C VAL A 64 -2.63 -0.97 15.23
N LYS A 65 -2.92 -2.12 14.61
CA LYS A 65 -4.30 -2.61 14.48
C LYS A 65 -5.00 -2.66 15.84
N GLY A 66 -6.26 -2.23 15.85
CA GLY A 66 -7.05 -2.24 17.06
C GLY A 66 -6.86 -1.06 18.00
N ARG A 67 -5.74 -0.35 17.91
CA ARG A 67 -5.50 0.81 18.75
C ARG A 67 -5.63 2.14 18.00
N PHE A 68 -5.28 2.18 16.72
CA PHE A 68 -5.33 3.40 15.94
C PHE A 68 -6.52 3.37 14.99
N THR A 69 -7.05 4.54 14.69
CA THR A 69 -8.10 4.70 13.69
C THR A 69 -7.75 5.88 12.82
N ILE A 70 -7.67 5.64 11.53
CA ILE A 70 -7.44 6.69 10.56
C ILE A 70 -8.79 7.15 10.02
N SER A 71 -8.96 8.46 9.84
CA SER A 71 -10.20 8.99 9.30
C SER A 71 -9.90 10.28 8.57
N ARG A 72 -10.90 10.76 7.84
CA ARG A 72 -10.70 11.97 7.05
C ARG A 72 -12.02 12.71 6.92
N ASP A 73 -11.91 14.02 6.75
CA ASP A 73 -13.06 14.89 6.52
C ASP A 73 -12.78 15.61 5.20
N ASN A 74 -13.45 15.16 4.14
CA ASN A 74 -13.13 15.69 2.82
C ASN A 74 -13.67 17.10 2.61
N SER A 75 -14.65 17.53 3.41
CA SER A 75 -15.09 18.92 3.29
C SER A 75 -14.17 19.87 4.03
N LYS A 76 -13.42 19.38 5.02
CA LYS A 76 -12.47 20.22 5.74
C LYS A 76 -11.03 19.97 5.32
N ASN A 77 -10.82 19.15 4.29
CA ASN A 77 -9.48 18.88 3.78
C ASN A 77 -8.54 18.40 4.88
N THR A 78 -9.05 17.56 5.78
CA THR A 78 -8.26 17.15 6.94
C THR A 78 -8.18 15.63 7.08
N LEU A 79 -6.98 15.17 7.39
CA LEU A 79 -6.69 13.80 7.76
C LEU A 79 -6.52 13.70 9.27
N TYR A 80 -6.93 12.57 9.85
CA TYR A 80 -6.82 12.39 11.30
C TYR A 80 -6.18 11.05 11.61
N LEU A 81 -5.68 10.94 12.84
CA LEU A 81 -5.20 9.65 13.34
C LEU A 81 -5.55 9.60 14.82
N GLN A 82 -6.49 8.74 15.17
CA GLN A 82 -6.87 8.58 16.56
C GLN A 82 -6.05 7.43 17.13
N MET A 83 -5.31 7.71 18.21
CA MET A 83 -4.38 6.78 18.81
C MET A 83 -4.82 6.51 20.23
N ASN A 84 -5.18 5.27 20.52
CA ASN A 84 -5.58 4.83 21.85
C ASN A 84 -4.56 3.83 22.36
N SER A 85 -4.59 3.60 23.68
CA SER A 85 -3.76 2.58 24.30
C SER A 85 -2.29 2.76 23.91
N LEU A 86 -1.81 3.99 23.97
CA LEU A 86 -0.48 4.29 23.50
C LEU A 86 0.58 3.57 24.34
N ARG A 87 1.67 3.19 23.68
CA ARG A 87 2.80 2.54 24.32
C ARG A 87 4.07 3.34 24.05
N ALA A 88 5.10 3.02 24.83
CA ALA A 88 6.40 3.66 24.62
C ALA A 88 6.85 3.49 23.18
N GLU A 89 6.64 2.29 22.61
CA GLU A 89 7.08 2.02 21.24
C GLU A 89 6.30 2.80 20.18
N ASP A 90 5.24 3.52 20.54
CA ASP A 90 4.59 4.44 19.63
C ASP A 90 5.29 5.80 19.54
N THR A 91 6.27 6.06 20.42
CA THR A 91 7.06 7.29 20.35
C THR A 91 7.74 7.40 18.99
N ALA A 92 7.53 8.54 18.31
CA ALA A 92 8.00 8.70 16.94
C ALA A 92 7.59 10.07 16.44
N VAL A 93 8.21 10.48 15.34
CA VAL A 93 7.67 11.56 14.51
C VAL A 93 6.61 10.97 13.59
N TYR A 94 5.45 11.60 13.55
CA TYR A 94 4.34 11.15 12.70
C TYR A 94 4.21 12.06 11.48
N TYR A 95 4.37 11.47 10.30
CA TYR A 95 4.27 12.15 9.01
C TYR A 95 2.94 11.86 8.32
N CYS A 96 2.36 12.91 7.76
CA CYS A 96 1.23 12.83 6.88
C CYS A 96 1.73 12.69 5.45
N ALA A 97 1.12 11.80 4.68
CA ALA A 97 1.62 11.52 3.34
C ALA A 97 0.48 11.43 2.34
N ARG A 98 0.67 12.07 1.19
CA ARG A 98 -0.26 11.95 0.08
C ARG A 98 0.12 10.74 -0.76
N LEU A 99 -0.81 9.78 -0.87
CA LEU A 99 -0.52 8.52 -1.55
C LEU A 99 -0.77 8.68 -3.04
N ALA A 100 0.26 8.43 -3.83
CA ALA A 100 0.10 8.48 -5.28
C ALA A 100 1.16 7.60 -5.90
N ILE A 101 0.91 7.19 -7.13
CA ILE A 101 1.95 6.57 -7.93
C ILE A 101 2.60 7.69 -8.73
N GLY A 102 3.91 7.83 -8.59
CA GLY A 102 4.64 8.82 -9.35
C GLY A 102 5.03 10.09 -8.62
N ASP A 103 4.49 10.34 -7.43
CA ASP A 103 4.98 11.43 -6.59
C ASP A 103 4.63 11.11 -5.15
N SER A 104 5.20 11.90 -4.24
CA SER A 104 5.10 11.58 -2.81
C SER A 104 5.32 12.85 -2.01
N TYR A 105 4.23 13.55 -1.67
CA TYR A 105 4.29 14.74 -0.83
C TYR A 105 4.06 14.35 0.63
N TRP A 106 4.94 14.85 1.50
CA TRP A 106 4.88 14.60 2.93
C TRP A 106 4.78 15.93 3.66
N GLY A 107 4.22 15.88 4.87
CA GLY A 107 4.37 16.97 5.79
C GLY A 107 5.74 16.90 6.45
N GLN A 108 5.97 17.80 7.40
CA GLN A 108 7.23 17.82 8.10
C GLN A 108 7.20 17.01 9.38
N GLY A 109 6.03 16.58 9.80
CA GLY A 109 5.92 15.65 10.91
C GLY A 109 5.56 16.32 12.21
N THR A 110 4.87 15.57 13.08
CA THR A 110 4.59 16.01 14.43
C THR A 110 5.13 14.96 15.39
N MET A 111 5.75 15.42 16.48
CA MET A 111 6.48 14.56 17.40
C MET A 111 5.56 14.06 18.52
N VAL A 112 5.48 12.74 18.67
CA VAL A 112 4.68 12.11 19.73
C VAL A 112 5.63 11.38 20.66
N THR A 113 5.53 11.66 21.96
CA THR A 113 6.38 11.05 22.96
C THR A 113 5.51 10.36 23.98
N VAL A 114 5.68 9.05 24.13
CA VAL A 114 4.89 8.28 25.07
C VAL A 114 5.82 7.87 26.19
N SER A 115 5.62 8.44 27.37
CA SER A 115 6.50 8.25 28.51
C SER A 115 5.73 8.50 29.79
N SER A 116 6.05 7.72 30.82
CA SER A 116 5.50 8.00 32.14
C SER A 116 6.09 9.26 32.77
N ALA A 117 7.23 9.74 32.26
CA ALA A 117 7.89 10.90 32.83
C ALA A 117 7.07 12.16 32.60
N SER A 118 7.17 13.10 33.54
CA SER A 118 6.40 14.33 33.46
C SER A 118 7.18 15.38 32.67
N THR A 119 6.44 16.30 32.08
CA THR A 119 7.05 17.34 31.26
C THR A 119 7.60 18.44 32.16
N LYS A 120 8.71 19.04 31.73
CA LYS A 120 9.35 20.11 32.46
C LYS A 120 9.85 21.17 31.49
N GLY A 121 9.46 22.41 31.74
CA GLY A 121 9.94 23.52 30.96
C GLY A 121 11.36 23.87 31.34
N PRO A 122 12.09 24.45 30.40
CA PRO A 122 13.52 24.73 30.65
C PRO A 122 13.74 26.03 31.41
N SER A 123 14.82 26.04 32.18
CA SER A 123 15.44 27.28 32.61
C SER A 123 16.38 27.78 31.51
N VAL A 124 16.37 29.09 31.29
CA VAL A 124 17.13 29.70 30.22
C VAL A 124 18.08 30.73 30.83
N PHE A 125 19.36 30.61 30.51
CA PHE A 125 20.38 31.50 31.03
C PHE A 125 21.20 32.09 29.89
N PRO A 126 21.61 33.34 30.01
CA PRO A 126 22.40 33.97 28.95
C PRO A 126 23.85 33.52 29.03
N LEU A 127 24.43 33.30 27.86
CA LEU A 127 25.86 33.04 27.69
C LEU A 127 26.46 34.33 27.12
N ALA A 128 27.02 35.15 28.00
CA ALA A 128 27.45 36.49 27.62
C ALA A 128 28.72 36.46 26.79
N PRO A 129 28.89 37.42 25.88
CA PRO A 129 30.09 37.46 25.04
C PRO A 129 31.32 37.98 25.79
N SER A 130 32.49 37.56 25.28
CA SER A 130 33.78 37.88 25.89
C SER A 130 34.11 39.38 25.86
N GLY A 137 37.95 41.15 16.09
CA GLY A 137 37.26 40.21 15.21
C GLY A 137 35.80 40.06 15.55
N THR A 138 35.36 38.82 15.75
CA THR A 138 33.98 38.51 16.08
C THR A 138 33.84 38.12 17.55
N ALA A 139 32.60 37.97 17.99
CA ALA A 139 32.26 37.59 19.36
C ALA A 139 31.20 36.51 19.34
N ALA A 140 31.31 35.56 20.26
CA ALA A 140 30.33 34.49 20.39
C ALA A 140 29.47 34.74 21.62
N LEU A 141 28.17 34.49 21.47
CA LEU A 141 27.24 34.62 22.58
C LEU A 141 26.08 33.65 22.34
N GLY A 142 25.45 33.22 23.40
CA GLY A 142 24.42 32.23 23.24
C GLY A 142 23.41 32.20 24.36
N CYS A 143 22.62 31.13 24.35
CA CYS A 143 21.61 30.87 25.35
C CYS A 143 21.77 29.43 25.80
N LEU A 144 21.74 29.22 27.11
CA LEU A 144 21.77 27.89 27.68
C LEU A 144 20.34 27.53 28.04
N VAL A 145 19.81 26.52 27.36
CA VAL A 145 18.47 26.02 27.62
C VAL A 145 18.62 24.70 28.38
N LYS A 146 18.27 24.73 29.67
CA LYS A 146 18.68 23.70 30.61
C LYS A 146 17.48 22.98 31.23
N ASP A 147 17.61 21.65 31.37
CA ASP A 147 16.77 20.77 32.18
C ASP A 147 15.32 20.64 31.72
N TYR A 148 15.11 20.22 30.48
CA TYR A 148 13.77 20.13 29.95
C TYR A 148 13.50 18.70 29.46
N PHE A 149 12.21 18.37 29.42
CA PHE A 149 11.73 17.10 28.88
C PHE A 149 10.28 17.34 28.46
N PRO A 150 9.87 16.77 27.32
CA PRO A 150 10.72 16.06 26.37
C PRO A 150 11.23 16.97 25.25
N GLU A 151 11.99 16.42 24.32
CA GLU A 151 12.23 17.11 23.06
C GLU A 151 10.89 17.27 22.36
N PRO A 152 10.75 18.32 21.52
CA PRO A 152 11.74 19.29 21.05
C PRO A 152 11.73 20.61 21.78
N VAL A 153 12.75 21.41 21.48
CA VAL A 153 12.84 22.81 21.89
C VAL A 153 13.30 23.59 20.67
N THR A 154 12.57 24.64 20.33
CA THR A 154 12.99 25.54 19.26
C THR A 154 13.61 26.79 19.87
N VAL A 155 14.66 27.28 19.23
CA VAL A 155 15.29 28.53 19.60
C VAL A 155 15.39 29.39 18.35
N SER A 156 14.98 30.63 18.46
CA SER A 156 15.27 31.64 17.47
C SER A 156 16.01 32.80 18.15
N TRP A 157 16.47 33.74 17.34
CA TRP A 157 17.11 34.94 17.85
C TRP A 157 16.42 36.16 17.26
N ASN A 158 16.26 37.19 18.10
CA ASN A 158 15.60 38.45 17.72
C ASN A 158 14.34 38.19 16.89
N SER A 159 13.53 37.25 17.39
CA SER A 159 12.26 36.86 16.77
C SER A 159 12.42 36.54 15.28
N GLY A 160 13.51 35.85 14.94
CA GLY A 160 13.75 35.43 13.58
C GLY A 160 14.49 36.43 12.72
N ALA A 161 14.75 37.63 13.22
CA ALA A 161 15.51 38.61 12.44
C ALA A 161 16.97 38.22 12.31
N LEU A 162 17.50 37.46 13.27
CA LEU A 162 18.90 37.04 13.26
C LEU A 162 18.96 35.53 12.95
N THR A 163 19.46 35.19 11.76
CA THR A 163 19.67 33.80 11.38
C THR A 163 21.10 33.48 10.96
N SER A 164 21.88 34.48 10.54
CA SER A 164 23.23 34.26 10.07
C SER A 164 24.19 34.18 11.25
N GLY A 165 24.98 33.10 11.31
CA GLY A 165 25.87 32.87 12.41
C GLY A 165 25.25 32.09 13.56
N VAL A 166 24.00 31.67 13.42
CA VAL A 166 23.29 30.95 14.48
C VAL A 166 23.58 29.46 14.37
N HIS A 167 23.88 28.85 15.51
CA HIS A 167 24.08 27.40 15.58
C HIS A 167 23.43 26.92 16.87
N THR A 168 22.24 26.32 16.75
CA THR A 168 21.64 25.63 17.87
C THR A 168 22.17 24.20 17.85
N PHE A 169 22.71 23.79 18.91
CA PHE A 169 23.41 22.51 19.01
C PHE A 169 22.44 21.43 19.45
N PRO A 170 22.63 20.22 18.96
CA PRO A 170 21.82 19.09 19.45
C PRO A 170 21.94 18.96 20.96
N ALA A 171 20.83 18.64 21.60
CA ALA A 171 20.80 18.57 23.05
C ALA A 171 21.64 17.39 23.58
N VAL A 172 21.97 17.46 24.85
CA VAL A 172 22.54 16.35 25.60
C VAL A 172 21.42 15.72 26.41
N LEU A 173 21.41 14.39 26.50
CA LEU A 173 20.49 13.71 27.40
C LEU A 173 21.26 13.36 28.67
N GLN A 174 20.96 14.10 29.74
CA GLN A 174 21.62 13.90 31.02
C GLN A 174 21.12 12.61 31.68
N SER A 175 21.96 12.05 32.55
CA SER A 175 21.58 10.86 33.28
C SER A 175 20.34 11.07 34.12
N SER A 176 19.97 12.33 34.41
CA SER A 176 18.77 12.60 35.17
C SER A 176 17.49 12.36 34.36
N GLY A 177 17.60 12.15 33.06
CA GLY A 177 16.44 12.06 32.18
C GLY A 177 16.06 13.36 31.51
N LEU A 178 16.66 14.49 31.92
CA LEU A 178 16.34 15.78 31.36
C LEU A 178 17.29 16.13 30.21
N TYR A 179 16.80 16.95 29.28
CA TYR A 179 17.61 17.47 28.19
C TYR A 179 18.15 18.86 28.49
N SER A 180 19.22 19.23 27.78
CA SER A 180 19.76 20.58 27.78
C SER A 180 20.44 20.81 26.44
N LEU A 181 20.36 22.04 25.94
CA LEU A 181 21.01 22.41 24.69
C LEU A 181 21.49 23.85 24.81
N SER A 182 22.34 24.25 23.87
CA SER A 182 22.77 25.63 23.76
C SER A 182 22.60 26.08 22.32
N SER A 183 22.33 27.37 22.17
CA SER A 183 22.32 28.02 20.87
C SER A 183 23.28 29.18 20.97
N VAL A 184 24.22 29.26 20.04
CA VAL A 184 25.23 30.32 20.05
C VAL A 184 25.19 31.02 18.71
N VAL A 185 25.34 32.33 18.73
CA VAL A 185 25.45 33.11 17.51
C VAL A 185 26.80 33.80 17.56
N THR A 186 27.44 33.95 16.40
CA THR A 186 28.66 34.72 16.29
C THR A 186 28.33 36.05 15.64
N VAL A 187 28.74 37.15 16.29
CA VAL A 187 28.34 38.49 15.87
C VAL A 187 29.57 39.38 15.77
N PRO A 188 29.47 40.53 15.10
CA PRO A 188 30.58 41.51 15.13
C PRO A 188 30.76 42.10 16.51
N SER A 189 32.02 42.35 16.87
CA SER A 189 32.31 42.93 18.19
C SER A 189 31.85 44.37 18.29
N SER A 190 31.89 45.12 17.18
CA SER A 190 31.54 46.54 17.23
C SER A 190 30.05 46.76 17.48
N SER A 191 29.21 45.81 17.05
CA SER A 191 27.77 45.93 17.25
C SER A 191 27.35 45.70 18.70
N LEU A 192 28.25 45.17 19.54
CA LEU A 192 27.84 44.69 20.86
C LEU A 192 27.24 45.81 21.72
N GLY A 193 27.65 47.06 21.49
CA GLY A 193 27.09 48.17 22.24
C GLY A 193 25.85 48.80 21.65
N THR A 194 25.48 48.46 20.41
CA THR A 194 24.37 49.09 19.72
C THR A 194 23.40 48.07 19.13
N GLN A 195 23.45 46.81 19.56
CA GLN A 195 22.63 45.75 18.99
C GLN A 195 22.19 44.78 20.09
N THR A 196 20.91 44.80 20.42
CA THR A 196 20.33 43.83 21.34
C THR A 196 20.35 42.42 20.75
N TYR A 197 20.60 41.43 21.60
CA TYR A 197 20.48 40.03 21.22
C TYR A 197 19.54 39.33 22.20
N ILE A 198 18.50 38.69 21.66
CA ILE A 198 17.48 38.02 22.46
C ILE A 198 17.23 36.65 21.85
N CYS A 199 17.37 35.60 22.64
CA CYS A 199 16.99 34.28 22.18
C CYS A 199 15.54 34.01 22.58
N ASN A 200 14.82 33.32 21.70
CA ASN A 200 13.41 33.02 21.90
C ASN A 200 13.29 31.50 21.98
N VAL A 201 12.97 31.02 23.17
CA VAL A 201 12.97 29.60 23.48
C VAL A 201 11.54 29.14 23.63
N ASN A 202 11.14 28.17 22.83
CA ASN A 202 9.79 27.63 22.88
C ASN A 202 9.86 26.15 23.19
N HIS A 203 9.17 25.74 24.25
CA HIS A 203 9.04 24.34 24.62
C HIS A 203 7.56 24.00 24.66
N LYS A 204 7.01 23.69 23.48
CA LYS A 204 5.59 23.38 23.35
C LYS A 204 5.09 22.33 24.35
N PRO A 205 5.76 21.15 24.53
CA PRO A 205 5.17 20.10 25.39
C PRO A 205 4.75 20.56 26.77
N SER A 206 5.36 21.65 27.25
CA SER A 206 5.01 22.23 28.55
C SER A 206 4.50 23.67 28.43
N ASN A 207 4.31 24.18 27.20
CA ASN A 207 3.85 25.54 26.97
C ASN A 207 4.74 26.57 27.68
N THR A 208 6.05 26.39 27.56
CA THR A 208 7.04 27.33 28.05
C THR A 208 7.59 28.11 26.87
N LYS A 209 7.46 29.44 26.91
CA LYS A 209 8.02 30.33 25.91
C LYS A 209 8.75 31.45 26.66
N VAL A 210 10.08 31.36 26.71
CA VAL A 210 10.94 32.33 27.40
C VAL A 210 11.72 33.12 26.37
N ASP A 211 11.85 34.43 26.60
CA ASP A 211 12.71 35.29 25.80
C ASP A 211 13.78 35.86 26.73
N LYS A 212 15.05 35.59 26.41
CA LYS A 212 16.16 35.92 27.30
C LYS A 212 17.14 36.85 26.60
N ARG A 213 17.31 38.05 27.13
CA ARG A 213 18.25 39.00 26.57
C ARG A 213 19.67 38.62 26.98
N VAL A 214 20.61 38.78 26.05
CA VAL A 214 21.99 38.36 26.27
C VAL A 214 22.86 39.60 26.12
N GLU A 215 23.34 40.13 27.23
CA GLU A 215 24.12 41.36 27.25
C GLU A 215 25.57 41.10 27.65
N PRO A 216 26.48 42.01 27.30
CA PRO A 216 27.87 41.87 27.74
C PRO A 216 28.00 41.96 29.26
N LYS A 217 28.92 41.18 29.80
CA LYS A 217 29.10 41.01 31.25
C LYS A 217 29.09 42.32 32.04
N GLN B 1 2.57 -5.68 8.77
CA GLN B 1 3.41 -6.77 8.29
C GLN B 1 4.81 -6.76 8.89
N SER B 2 5.84 -6.74 8.03
CA SER B 2 7.22 -6.96 8.46
C SER B 2 8.17 -6.34 7.44
N ALA B 3 9.29 -5.78 7.93
CA ALA B 3 10.16 -4.92 7.15
C ALA B 3 10.86 -5.67 6.01
N LEU B 4 11.26 -4.90 5.00
CA LEU B 4 12.24 -5.34 4.00
C LEU B 4 13.63 -5.05 4.55
N THR B 5 14.61 -5.84 4.10
CA THR B 5 15.94 -5.77 4.68
C THR B 5 16.91 -5.06 3.73
N GLN B 6 17.71 -4.17 4.31
CA GLN B 6 18.76 -3.41 3.66
C GLN B 6 20.03 -3.54 4.49
N PRO B 7 21.21 -3.44 3.87
CA PRO B 7 22.43 -3.29 4.65
C PRO B 7 22.37 -2.00 5.46
N ALA B 8 22.79 -2.06 6.72
CA ALA B 8 22.71 -0.88 7.57
C ALA B 8 23.64 0.23 7.07
N SER B 9 24.73 -0.13 6.40
CA SER B 9 25.75 0.84 6.02
CA SER B 9 25.74 0.85 6.02
C SER B 9 26.33 0.48 4.67
N VAL B 10 26.57 1.50 3.86
CA VAL B 10 27.27 1.40 2.59
C VAL B 10 28.08 2.68 2.44
N SER B 11 29.31 2.56 1.97
CA SER B 11 30.16 3.74 1.82
C SER B 11 30.93 3.66 0.52
N GLY B 12 31.29 4.84 -0.01
CA GLY B 12 32.02 4.97 -1.26
C GLY B 12 32.74 6.29 -1.30
N SER B 13 33.69 6.39 -2.26
CA SER B 13 34.51 7.57 -2.51
C SER B 13 33.80 8.54 -3.45
N PRO B 14 34.19 9.82 -3.45
CA PRO B 14 33.58 10.76 -4.39
C PRO B 14 33.77 10.30 -5.83
N GLY B 15 32.68 10.28 -6.58
CA GLY B 15 32.70 9.85 -7.96
C GLY B 15 32.48 8.36 -8.17
N GLN B 16 32.46 7.58 -7.09
CA GLN B 16 32.23 6.14 -7.17
C GLN B 16 30.75 5.85 -7.40
N SER B 17 30.48 4.67 -7.96
CA SER B 17 29.13 4.13 -7.97
C SER B 17 28.96 3.17 -6.81
N ILE B 18 27.80 3.24 -6.14
CA ILE B 18 27.46 2.35 -5.04
C ILE B 18 26.05 1.80 -5.24
N THR B 19 25.81 0.64 -4.66
CA THR B 19 24.53 -0.05 -4.80
C THR B 19 23.99 -0.47 -3.45
N ILE B 20 22.70 -0.24 -3.26
CA ILE B 20 22.00 -0.60 -2.04
C ILE B 20 20.93 -1.61 -2.41
N SER B 21 20.99 -2.78 -1.77
CA SER B 21 20.00 -3.82 -2.02
C SER B 21 18.85 -3.74 -1.02
N CYS B 22 17.73 -4.31 -1.43
CA CYS B 22 16.50 -4.40 -0.67
C CYS B 22 15.96 -5.80 -0.89
N THR B 23 15.84 -6.59 0.17
CA THR B 23 15.44 -8.00 0.04
C THR B 23 14.09 -8.22 0.70
N GLY B 24 13.21 -8.93 0.00
CA GLY B 24 11.88 -9.22 0.52
C GLY B 24 10.81 -8.63 -0.37
N THR B 25 11.22 -8.33 -1.59
CA THR B 25 10.50 -7.51 -2.55
C THR B 25 9.66 -8.32 -3.52
N GLY B 26 9.67 -9.67 -3.40
CA GLY B 26 8.92 -10.52 -4.31
C GLY B 26 7.43 -10.57 -4.00
N SER B 27 6.65 -10.87 -5.03
CA SER B 27 5.20 -10.89 -4.88
C SER B 27 4.67 -12.28 -5.19
N ASP B 28 3.61 -12.67 -4.49
CA ASP B 28 2.91 -13.90 -4.84
C ASP B 28 2.35 -13.81 -6.25
N VAL B 29 2.26 -14.97 -6.91
CA VAL B 29 1.58 -15.03 -8.20
C VAL B 29 0.17 -14.49 -8.04
N GLY B 30 -0.24 -13.63 -8.97
CA GLY B 30 -1.52 -12.96 -8.89
C GLY B 30 -1.47 -11.60 -8.20
N SER B 31 -0.39 -11.29 -7.51
CA SER B 31 -0.20 -10.00 -6.86
C SER B 31 0.91 -9.22 -7.56
N TYR B 32 1.11 -7.99 -7.11
CA TYR B 32 2.15 -7.14 -7.64
C TYR B 32 2.67 -6.26 -6.52
N ASN B 33 3.77 -5.57 -6.79
CA ASN B 33 4.15 -4.45 -5.95
C ASN B 33 4.96 -3.49 -6.81
N LEU B 34 5.11 -2.28 -6.29
CA LEU B 34 5.92 -1.23 -6.90
C LEU B 34 6.93 -0.80 -5.86
N VAL B 35 8.20 -0.70 -6.26
CA VAL B 35 9.27 -0.37 -5.32
C VAL B 35 9.64 1.12 -5.47
N SER B 36 9.76 1.79 -4.34
CA SER B 36 10.12 3.18 -4.22
C SER B 36 11.43 3.28 -3.44
N TRP B 37 12.19 4.34 -3.68
CA TRP B 37 13.34 4.64 -2.85
C TRP B 37 13.25 6.06 -2.34
N TYR B 38 13.51 6.23 -1.05
CA TYR B 38 13.49 7.52 -0.41
C TYR B 38 14.89 7.84 0.10
N GLN B 39 15.21 9.14 0.07
CA GLN B 39 16.44 9.68 0.61
C GLN B 39 16.05 10.57 1.78
N GLN B 40 16.73 10.45 2.91
CA GLN B 40 16.34 11.23 4.09
C GLN B 40 17.58 11.87 4.69
N HIS B 41 17.64 13.22 4.61
CA HIS B 41 18.69 13.97 5.26
C HIS B 41 18.32 14.23 6.71
N PRO B 42 19.32 14.49 7.56
CA PRO B 42 19.04 14.67 8.99
C PRO B 42 18.10 15.83 9.23
N GLY B 43 17.08 15.57 10.05
CA GLY B 43 16.07 16.55 10.36
C GLY B 43 14.95 16.63 9.34
N LYS B 44 15.24 16.32 8.09
CA LYS B 44 14.30 16.54 7.00
C LYS B 44 13.37 15.34 6.80
N ALA B 45 12.29 15.56 6.09
CA ALA B 45 11.38 14.46 5.75
C ALA B 45 11.93 13.69 4.56
N PRO B 46 11.55 12.42 4.40
CA PRO B 46 12.05 11.63 3.28
C PRO B 46 11.66 12.24 1.95
N LYS B 47 12.55 12.09 0.97
CA LYS B 47 12.38 12.60 -0.38
C LYS B 47 12.38 11.45 -1.37
N LEU B 48 11.42 11.47 -2.29
CA LEU B 48 11.27 10.38 -3.24
C LEU B 48 12.31 10.52 -4.35
N MET B 49 13.11 9.47 -4.56
CA MET B 49 14.09 9.43 -5.63
C MET B 49 13.74 8.48 -6.77
N ILE B 50 13.05 7.39 -6.46
CA ILE B 50 12.70 6.37 -7.44
C ILE B 50 11.29 5.90 -7.12
N TYR B 51 10.46 5.76 -8.13
CA TYR B 51 9.16 5.13 -7.97
C TYR B 51 8.98 4.12 -9.09
N GLY B 52 8.07 3.18 -8.88
CA GLY B 52 7.80 2.19 -9.92
C GLY B 52 9.02 1.41 -10.32
N ASP B 53 9.85 1.05 -9.33
CA ASP B 53 11.08 0.26 -9.49
C ASP B 53 12.20 1.06 -10.10
N SER B 54 11.91 1.91 -11.11
CA SER B 54 12.99 2.50 -11.88
C SER B 54 12.73 3.93 -12.35
N GLN B 55 11.63 4.55 -11.97
CA GLN B 55 11.29 5.88 -12.46
C GLN B 55 11.87 6.94 -11.54
N ARG B 56 12.31 8.02 -12.14
CA ARG B 56 12.76 9.17 -11.38
C ARG B 56 11.71 10.26 -11.41
N PRO B 57 11.33 10.84 -10.28
CA PRO B 57 10.54 12.07 -10.32
C PRO B 57 11.31 13.17 -11.03
N SER B 58 10.58 14.09 -11.64
CA SER B 58 11.21 15.23 -12.27
C SER B 58 12.07 15.97 -11.26
N GLY B 59 13.30 16.26 -11.64
CA GLY B 59 14.22 16.95 -10.78
C GLY B 59 15.25 16.06 -10.12
N VAL B 60 14.94 14.78 -9.94
CA VAL B 60 15.92 13.88 -9.35
C VAL B 60 17.05 13.64 -10.35
N SER B 61 18.28 13.89 -9.91
CA SER B 61 19.45 13.68 -10.75
C SER B 61 19.42 12.28 -11.35
N ASN B 62 19.89 12.16 -12.59
CA ASN B 62 19.93 10.85 -13.23
C ASN B 62 21.06 9.97 -12.71
N ARG B 63 21.88 10.48 -11.79
CA ARG B 63 22.83 9.62 -11.10
C ARG B 63 22.13 8.54 -10.29
N PHE B 64 20.86 8.74 -9.96
CA PHE B 64 20.08 7.79 -9.17
C PHE B 64 19.28 6.91 -10.11
N SER B 65 19.33 5.60 -9.88
CA SER B 65 18.68 4.63 -10.76
C SER B 65 18.32 3.42 -9.92
N GLY B 66 17.28 2.71 -10.33
CA GLY B 66 16.78 1.58 -9.58
C GLY B 66 16.32 0.46 -10.47
N SER B 67 16.17 -0.72 -9.87
CA SER B 67 15.79 -1.92 -10.58
C SER B 67 15.26 -2.93 -9.57
N LYS B 68 14.49 -3.88 -10.08
CA LYS B 68 13.84 -4.87 -9.23
C LYS B 68 13.84 -6.20 -9.97
N SER B 69 14.26 -7.26 -9.30
CA SER B 69 14.32 -8.61 -9.88
C SER B 69 13.98 -9.60 -8.80
N GLY B 70 12.90 -10.34 -8.98
CA GLY B 70 12.52 -11.35 -8.02
C GLY B 70 12.35 -10.77 -6.64
N ASN B 71 13.07 -11.34 -5.67
CA ASN B 71 12.90 -10.96 -4.28
C ASN B 71 13.78 -9.78 -3.85
N THR B 72 14.51 -9.14 -4.77
CA THR B 72 15.34 -8.00 -4.42
C THR B 72 15.09 -6.83 -5.36
N ALA B 73 15.30 -5.63 -4.80
CA ALA B 73 15.35 -4.36 -5.53
C ALA B 73 16.69 -3.71 -5.22
N SER B 74 17.13 -2.81 -6.10
CA SER B 74 18.44 -2.18 -5.94
C SER B 74 18.39 -0.72 -6.31
N LEU B 75 19.10 0.09 -5.53
CA LEU B 75 19.35 1.48 -5.87
C LEU B 75 20.83 1.64 -6.18
N THR B 76 21.13 2.29 -7.30
CA THR B 76 22.50 2.61 -7.65
C THR B 76 22.67 4.13 -7.64
N ILE B 77 23.73 4.61 -6.99
CA ILE B 77 24.07 6.03 -7.03
C ILE B 77 25.40 6.16 -7.73
N SER B 78 25.40 6.83 -8.89
CA SER B 78 26.62 7.03 -9.65
C SER B 78 27.20 8.41 -9.36
N GLY B 79 28.52 8.53 -9.58
CA GLY B 79 29.21 9.78 -9.36
C GLY B 79 29.00 10.35 -7.97
N LEU B 80 29.03 9.45 -6.98
CA LEU B 80 28.78 9.76 -5.58
C LEU B 80 29.33 11.13 -5.17
N GLN B 81 28.50 11.92 -4.49
CA GLN B 81 28.88 13.23 -4.00
C GLN B 81 28.52 13.37 -2.53
N ALA B 82 29.23 14.27 -1.84
CA ALA B 82 29.06 14.41 -0.40
C ALA B 82 27.64 14.82 -0.04
N GLU B 83 26.92 15.47 -0.94
CA GLU B 83 25.52 15.78 -0.69
C GLU B 83 24.66 14.53 -0.61
N ASP B 84 25.09 13.41 -1.22
CA ASP B 84 24.33 12.17 -1.16
C ASP B 84 24.42 11.46 0.19
N GLU B 85 25.27 11.92 1.11
CA GLU B 85 25.31 11.37 2.45
C GLU B 85 23.93 11.50 3.08
N ALA B 86 23.27 10.37 3.33
CA ALA B 86 21.91 10.37 3.85
C ALA B 86 21.54 8.94 4.22
N ASP B 87 20.36 8.80 4.82
CA ASP B 87 19.70 7.51 4.95
C ASP B 87 18.82 7.24 3.73
N TYR B 88 18.86 6.00 3.24
CA TYR B 88 18.02 5.58 2.11
C TYR B 88 17.13 4.42 2.54
N TYR B 89 15.86 4.49 2.13
CA TYR B 89 14.86 3.47 2.43
C TYR B 89 14.24 3.00 1.13
N CYS B 90 14.14 1.69 0.94
CA CYS B 90 13.24 1.19 -0.09
C CYS B 90 11.84 1.08 0.50
N ALA B 91 10.85 1.02 -0.39
CA ALA B 91 9.47 0.85 0.06
C ALA B 91 8.73 0.07 -0.99
N SER B 92 7.80 -0.77 -0.52
CA SER B 92 7.01 -1.62 -1.39
C SER B 92 5.54 -1.28 -1.21
N TYR B 93 4.90 -0.87 -2.31
CA TYR B 93 3.46 -0.73 -2.37
C TYR B 93 2.86 -1.97 -3.01
N ALA B 94 2.00 -2.68 -2.28
CA ALA B 94 1.36 -3.90 -2.78
C ALA B 94 -0.06 -3.65 -3.30
N GLY B 95 -0.45 -2.39 -3.48
CA GLY B 95 -1.80 -2.04 -3.85
C GLY B 95 -2.72 -1.99 -2.65
N SER B 96 -3.86 -1.32 -2.84
CA SER B 96 -4.92 -1.24 -1.82
C SER B 96 -4.45 -0.56 -0.53
N GLY B 97 -3.55 0.43 -0.66
CA GLY B 97 -3.10 1.21 0.48
C GLY B 97 -2.05 0.57 1.38
N ILE B 98 -1.49 -0.57 1.01
CA ILE B 98 -0.57 -1.27 1.90
C ILE B 98 0.88 -0.99 1.49
N TYR B 99 1.64 -0.45 2.43
CA TYR B 99 3.07 -0.20 2.25
C TYR B 99 3.86 -0.95 3.31
N VAL B 100 5.12 -1.20 2.98
CA VAL B 100 6.10 -1.62 3.96
C VAL B 100 7.43 -0.97 3.58
N PHE B 101 8.16 -0.48 4.58
CA PHE B 101 9.44 0.19 4.36
C PHE B 101 10.59 -0.75 4.71
N GLY B 102 11.65 -0.70 3.90
CA GLY B 102 12.90 -1.33 4.27
C GLY B 102 13.47 -0.75 5.56
N THR B 103 14.49 -1.43 6.06
CA THR B 103 15.11 -1.04 7.32
C THR B 103 16.05 0.14 7.19
N GLY B 104 16.46 0.51 5.99
CA GLY B 104 17.24 1.73 5.83
C GLY B 104 18.73 1.51 5.75
N THR B 105 19.40 2.28 4.90
CA THR B 105 20.85 2.21 4.76
C THR B 105 21.41 3.61 4.94
N LYS B 106 22.45 3.73 5.77
CA LYS B 106 23.17 4.98 5.90
C LYS B 106 24.29 4.97 4.87
N VAL B 107 24.33 6.00 4.02
CA VAL B 107 25.35 6.14 3.00
C VAL B 107 26.40 7.15 3.47
N THR B 108 27.66 6.73 3.46
CA THR B 108 28.78 7.56 3.86
C THR B 108 29.69 7.80 2.67
N VAL B 109 30.00 9.06 2.40
CA VAL B 109 30.93 9.44 1.33
C VAL B 109 32.29 9.65 1.97
N LEU B 110 33.27 8.85 1.56
CA LEU B 110 34.60 8.84 2.19
C LEU B 110 35.47 9.96 1.61
N GLY B 111 36.74 9.97 2.00
CA GLY B 111 37.72 10.86 1.41
C GLY B 111 37.44 12.32 1.58
N GLN B 112 36.61 12.70 2.55
CA GLN B 112 36.30 14.11 2.69
C GLN B 112 37.44 14.84 3.38
N PRO B 113 37.61 16.13 3.10
CA PRO B 113 38.73 16.88 3.68
C PRO B 113 38.63 16.92 5.19
N LYS B 114 39.78 17.06 5.84
CA LYS B 114 39.79 17.16 7.28
C LYS B 114 39.38 18.57 7.69
N ALA B 115 38.65 18.68 8.80
CA ALA B 115 38.23 19.95 9.36
C ALA B 115 38.56 19.96 10.84
N ASN B 116 39.28 20.97 11.27
CA ASN B 116 39.64 20.97 12.68
C ASN B 116 38.55 21.65 13.52
N PRO B 117 38.35 21.17 14.74
CA PRO B 117 37.23 21.67 15.55
C PRO B 117 37.43 23.10 16.02
N THR B 118 36.36 23.89 15.90
CA THR B 118 36.22 25.15 16.61
C THR B 118 35.63 24.88 17.99
N VAL B 119 36.22 25.49 19.02
CA VAL B 119 35.84 25.25 20.41
C VAL B 119 35.46 26.57 21.07
N THR B 120 34.29 26.61 21.68
CA THR B 120 33.79 27.80 22.36
C THR B 120 33.41 27.43 23.78
N LEU B 121 34.00 28.11 24.76
CA LEU B 121 33.75 27.77 26.15
C LEU B 121 33.15 28.95 26.88
N PHE B 122 32.00 28.74 27.50
CA PHE B 122 31.30 29.76 28.26
C PHE B 122 31.35 29.43 29.74
N PRO B 123 31.62 30.40 30.61
CA PRO B 123 31.54 30.17 32.05
C PRO B 123 30.10 30.11 32.51
N PRO B 124 29.85 29.83 33.79
CA PRO B 124 28.48 30.00 34.31
C PRO B 124 28.07 31.47 34.28
N SER B 125 26.77 31.69 34.13
CA SER B 125 26.26 33.05 34.08
C SER B 125 25.98 33.59 35.48
N SER B 126 25.90 34.92 35.58
CA SER B 126 25.56 35.55 36.86
C SER B 126 24.23 35.03 37.38
N GLU B 127 23.24 34.95 36.49
CA GLU B 127 21.91 34.51 36.89
C GLU B 127 21.91 33.07 37.35
N GLU B 128 22.66 32.19 36.67
CA GLU B 128 22.68 30.80 37.12
C GLU B 128 23.40 30.65 38.46
N LEU B 129 24.44 31.44 38.70
CA LEU B 129 25.08 31.42 40.00
C LEU B 129 24.14 31.94 41.09
N GLN B 130 23.38 32.99 40.78
CA GLN B 130 22.37 33.48 41.72
C GLN B 130 21.33 32.42 42.01
N ALA B 131 21.12 31.48 41.09
CA ALA B 131 20.24 30.35 41.32
C ALA B 131 20.94 29.18 42.00
N ASN B 132 22.16 29.38 42.51
CA ASN B 132 22.91 28.36 43.25
C ASN B 132 23.19 27.13 42.37
N LYS B 133 23.45 27.39 41.09
CA LYS B 133 23.85 26.39 40.13
C LYS B 133 24.99 26.95 39.29
N ALA B 134 25.70 26.08 38.59
CA ALA B 134 26.86 26.51 37.82
C ALA B 134 27.14 25.46 36.75
N THR B 135 27.08 25.88 35.49
CA THR B 135 27.30 25.01 34.34
C THR B 135 28.35 25.65 33.45
N LEU B 136 29.34 24.85 33.04
CA LEU B 136 30.28 25.29 32.03
C LEU B 136 29.89 24.64 30.71
N VAL B 137 30.00 25.40 29.63
CA VAL B 137 29.47 25.00 28.35
C VAL B 137 30.58 25.01 27.32
N CYS B 138 30.84 23.85 26.72
CA CYS B 138 31.90 23.71 25.72
C CYS B 138 31.27 23.25 24.41
N LEU B 139 31.28 24.12 23.42
CA LEU B 139 30.65 23.86 22.13
C LEU B 139 31.74 23.57 21.13
N ILE B 140 31.56 22.51 20.34
CA ILE B 140 32.59 22.03 19.43
C ILE B 140 31.96 21.88 18.06
N SER B 141 32.46 22.63 17.08
CA SER B 141 31.79 22.71 15.80
C SER B 141 32.77 22.53 14.65
N ASP B 142 32.21 22.13 13.50
CA ASP B 142 32.87 22.23 12.20
C ASP B 142 34.09 21.33 12.08
N PHE B 143 34.02 20.12 12.66
CA PHE B 143 35.16 19.22 12.58
C PHE B 143 34.84 18.01 11.71
N TYR B 144 35.90 17.48 11.08
CA TYR B 144 35.80 16.24 10.30
C TYR B 144 37.12 15.49 10.34
N PRO B 145 37.08 14.17 10.60
CA PRO B 145 35.87 13.37 10.80
C PRO B 145 35.25 13.53 12.18
N GLY B 146 34.19 12.75 12.43
CA GLY B 146 33.32 12.96 13.56
C GLY B 146 33.61 12.17 14.82
N ALA B 147 34.83 12.26 15.32
CA ALA B 147 35.21 11.59 16.55
C ALA B 147 36.05 12.55 17.39
N VAL B 148 35.66 12.76 18.64
CA VAL B 148 36.38 13.65 19.53
C VAL B 148 36.34 13.11 20.94
N THR B 149 37.42 13.35 21.67
CA THR B 149 37.45 13.19 23.11
C THR B 149 37.48 14.57 23.76
N VAL B 150 36.70 14.73 24.82
CA VAL B 150 36.67 15.98 25.57
C VAL B 150 37.14 15.70 27.00
N ALA B 151 38.08 16.49 27.48
CA ALA B 151 38.59 16.37 28.84
C ALA B 151 38.50 17.72 29.52
N TRP B 152 37.87 17.75 30.68
CA TRP B 152 37.78 18.94 31.51
C TRP B 152 38.85 18.90 32.59
N LYS B 153 39.47 20.04 32.84
CA LYS B 153 40.53 20.14 33.82
C LYS B 153 40.29 21.36 34.70
N ALA B 154 40.49 21.16 36.00
CA ALA B 154 40.46 22.24 36.98
C ALA B 154 41.88 22.40 37.51
N ASP B 155 42.47 23.56 37.25
CA ASP B 155 43.88 23.85 37.53
C ASP B 155 44.78 22.66 37.19
N GLY B 156 44.57 22.13 35.98
CA GLY B 156 45.36 21.05 35.44
C GLY B 156 44.95 19.65 35.85
N SER B 157 44.03 19.51 36.84
CA SER B 157 43.58 18.22 37.36
C SER B 157 42.38 17.71 36.56
N PRO B 158 42.31 16.41 36.27
CA PRO B 158 41.14 15.89 35.53
C PRO B 158 39.84 16.04 36.34
N VAL B 159 38.76 16.34 35.62
CA VAL B 159 37.41 16.39 36.17
C VAL B 159 36.58 15.36 35.42
N LYS B 160 36.06 14.37 36.15
CA LYS B 160 35.18 13.37 35.56
C LYS B 160 33.75 13.42 36.10
N ALA B 161 33.56 13.78 37.37
CA ALA B 161 32.22 13.88 37.93
C ALA B 161 31.53 15.15 37.42
N GLY B 162 30.27 15.00 37.00
CA GLY B 162 29.50 16.14 36.55
C GLY B 162 29.66 16.49 35.10
N VAL B 163 30.14 15.57 34.27
CA VAL B 163 30.39 15.84 32.85
C VAL B 163 29.32 15.13 32.05
N GLU B 164 28.65 15.87 31.17
CA GLU B 164 27.74 15.31 30.18
C GLU B 164 28.21 15.75 28.81
N THR B 165 28.35 14.79 27.90
CA THR B 165 28.90 15.07 26.58
C THR B 165 28.07 14.37 25.51
N THR B 166 27.75 15.10 24.44
CA THR B 166 26.92 14.52 23.40
C THR B 166 27.77 13.68 22.43
N LYS B 167 27.10 12.75 21.76
CA LYS B 167 27.71 12.10 20.62
C LYS B 167 27.78 13.12 19.47
N PRO B 168 28.86 13.13 18.72
CA PRO B 168 28.92 14.04 17.55
C PRO B 168 27.80 13.74 16.58
N SER B 169 27.30 14.79 15.93
CA SER B 169 26.22 14.62 14.97
C SER B 169 26.49 15.47 13.73
N LYS B 170 26.02 14.98 12.59
CA LYS B 170 26.34 15.60 11.32
C LYS B 170 25.60 16.92 11.21
N GLN B 171 26.36 18.01 11.02
CA GLN B 171 25.81 19.33 10.75
C GLN B 171 25.26 19.41 9.34
N SER B 172 24.81 20.61 8.97
CA SER B 172 24.28 20.83 7.63
C SER B 172 25.38 20.69 6.59
N ASN B 173 26.56 21.27 6.86
CA ASN B 173 27.68 21.28 5.92
C ASN B 173 28.51 20.00 5.98
N ASN B 174 27.89 18.86 6.34
CA ASN B 174 28.55 17.56 6.39
C ASN B 174 29.58 17.46 7.51
N LYS B 175 29.98 18.59 8.11
CA LYS B 175 30.89 18.57 9.26
C LYS B 175 30.14 18.15 10.52
N TYR B 176 30.88 18.00 11.61
CA TYR B 176 30.32 17.48 12.86
C TYR B 176 30.33 18.52 13.97
N ALA B 177 29.40 18.35 14.90
CA ALA B 177 29.27 19.22 16.06
C ALA B 177 29.06 18.36 17.29
N ALA B 178 29.50 18.88 18.43
CA ALA B 178 29.30 18.21 19.71
C ALA B 178 29.33 19.27 20.81
N SER B 179 28.87 18.88 21.99
CA SER B 179 28.96 19.78 23.13
C SER B 179 29.13 18.97 24.40
N SER B 180 29.76 19.60 25.39
CA SER B 180 30.05 19.00 26.69
C SER B 180 29.72 20.02 27.78
N TYR B 181 29.09 19.54 28.85
CA TYR B 181 28.58 20.39 29.93
C TYR B 181 29.17 19.93 31.25
N LEU B 182 29.94 20.80 31.90
CA LEU B 182 30.46 20.51 33.24
C LEU B 182 29.53 21.16 34.26
N SER B 183 29.01 20.35 35.17
CA SER B 183 28.15 20.83 36.22
C SER B 183 28.94 20.95 37.51
N LEU B 184 28.84 22.11 38.15
CA LEU B 184 29.52 22.40 39.40
C LEU B 184 28.58 23.14 40.34
N THR B 185 28.86 23.04 41.63
CA THR B 185 28.31 24.00 42.57
C THR B 185 29.10 25.30 42.45
N PRO B 186 28.47 26.44 42.75
CA PRO B 186 29.22 27.72 42.70
C PRO B 186 30.49 27.68 43.53
N GLU B 187 30.49 26.93 44.62
CA GLU B 187 31.67 26.85 45.48
C GLU B 187 32.84 26.24 44.73
N GLN B 188 32.64 25.08 44.12
CA GLN B 188 33.69 24.47 43.30
C GLN B 188 34.17 25.43 42.22
N TRP B 189 33.24 26.12 41.56
CA TRP B 189 33.58 27.03 40.48
C TRP B 189 34.52 28.13 40.94
N LYS B 190 34.27 28.69 42.13
CA LYS B 190 35.11 29.76 42.63
C LYS B 190 36.38 29.25 43.32
N SER B 191 36.41 27.98 43.74
CA SER B 191 37.54 27.44 44.47
C SER B 191 38.71 27.03 43.56
N HIS B 192 38.66 27.36 42.26
CA HIS B 192 39.75 27.06 41.35
C HIS B 192 40.15 28.31 40.57
N ARG B 193 41.40 28.32 40.10
CA ARG B 193 41.94 29.45 39.37
C ARG B 193 41.50 29.42 37.90
N SER B 194 41.39 28.25 37.31
CA SER B 194 40.90 28.19 35.94
C SER B 194 40.36 26.81 35.63
N TYR B 195 39.35 26.78 34.76
CA TYR B 195 38.81 25.55 34.23
C TYR B 195 39.09 25.49 32.73
N SER B 196 39.27 24.27 32.23
CA SER B 196 39.70 24.09 30.86
C SER B 196 38.83 23.05 30.19
N CYS B 197 38.43 23.33 28.95
CA CYS B 197 37.83 22.34 28.06
C CYS B 197 38.88 21.97 27.01
N GLN B 198 39.26 20.70 26.99
CA GLN B 198 40.28 20.22 26.06
C GLN B 198 39.65 19.22 25.08
N VAL B 199 39.65 19.58 23.80
CA VAL B 199 39.09 18.79 22.73
C VAL B 199 40.25 18.20 21.94
N THR B 200 40.31 16.88 21.87
CA THR B 200 41.32 16.20 21.07
C THR B 200 40.64 15.62 19.84
N HIS B 201 41.21 15.89 18.67
CA HIS B 201 40.59 15.49 17.40
C HIS B 201 41.69 15.13 16.42
N GLU B 202 41.73 13.86 16.02
CA GLU B 202 42.72 13.37 15.05
C GLU B 202 44.14 13.78 15.47
N GLY B 203 44.55 13.29 16.65
CA GLY B 203 45.90 13.49 17.15
C GLY B 203 46.24 14.86 17.71
N SER B 204 45.44 15.89 17.42
CA SER B 204 45.71 17.24 17.90
C SER B 204 44.72 17.63 18.99
N THR B 205 45.12 18.56 19.84
CA THR B 205 44.30 19.03 20.95
C THR B 205 44.10 20.53 20.84
N VAL B 206 42.86 20.96 21.09
CA VAL B 206 42.51 22.37 21.22
C VAL B 206 42.00 22.60 22.63
N GLU B 207 42.37 23.74 23.23
CA GLU B 207 42.02 24.05 24.60
C GLU B 207 41.40 25.44 24.70
N LYS B 208 40.32 25.55 25.46
CA LYS B 208 39.82 26.83 25.94
C LYS B 208 39.76 26.80 27.47
N THR B 209 40.00 27.97 28.09
CA THR B 209 39.97 28.05 29.54
C THR B 209 39.17 29.28 29.95
N VAL B 210 38.42 29.15 31.06
CA VAL B 210 37.71 30.25 31.69
C VAL B 210 38.12 30.31 33.15
N ALA B 211 38.07 31.52 33.74
CA ALA B 211 38.43 31.77 35.15
C ALA B 211 37.43 32.69 35.83
N PRO B 212 37.01 32.37 37.07
CA PRO B 212 36.04 33.15 37.85
C PRO B 212 36.36 34.65 38.06
N HIS C 27 -33.17 -10.12 -15.51
CA HIS C 27 -34.08 -9.85 -16.62
C HIS C 27 -33.31 -9.52 -17.90
N LEU C 28 -33.54 -8.32 -18.42
CA LEU C 28 -32.92 -7.85 -19.66
C LEU C 28 -31.66 -7.05 -19.34
N SER C 29 -30.50 -7.57 -19.78
CA SER C 29 -29.24 -6.86 -19.60
C SER C 29 -28.45 -6.89 -20.90
N LEU C 30 -27.63 -5.85 -21.08
CA LEU C 30 -26.62 -5.82 -22.12
C LEU C 30 -25.32 -5.48 -21.42
N LEU C 31 -24.43 -6.47 -21.28
CA LEU C 31 -23.17 -6.31 -20.58
C LEU C 31 -21.99 -6.73 -21.43
N TYR C 32 -20.94 -5.94 -21.39
CA TYR C 32 -19.66 -6.27 -21.99
C TYR C 32 -18.65 -6.68 -20.93
N HIS C 33 -17.95 -7.78 -21.18
CA HIS C 33 -16.91 -8.29 -20.29
C HIS C 33 -15.55 -8.05 -20.95
N LEU C 34 -14.76 -7.15 -20.37
CA LEU C 34 -13.47 -6.76 -20.94
C LEU C 34 -12.35 -7.29 -20.05
N THR C 35 -11.33 -7.90 -20.66
CA THR C 35 -10.16 -8.38 -19.93
C THR C 35 -8.89 -7.99 -20.68
N ALA C 36 -7.91 -7.45 -19.95
CA ALA C 36 -6.55 -7.30 -20.48
C ALA C 36 -5.56 -7.94 -19.52
N VAL C 37 -4.51 -8.56 -20.07
CA VAL C 37 -3.42 -9.08 -19.27
C VAL C 37 -2.11 -8.49 -19.78
N SER C 38 -1.25 -8.08 -18.85
CA SER C 38 0.03 -7.48 -19.21
C SER C 38 1.02 -8.50 -19.74
N SER C 39 0.86 -9.78 -19.42
CA SER C 39 1.73 -10.83 -19.92
C SER C 39 0.90 -12.01 -20.39
N PRO C 40 0.25 -11.88 -21.54
CA PRO C 40 -0.56 -13.00 -22.05
C PRO C 40 0.30 -14.22 -22.37
N ALA C 41 -0.22 -15.39 -22.01
CA ALA C 41 0.43 -16.62 -22.39
C ALA C 41 0.61 -16.70 -23.90
N PRO C 42 1.65 -17.38 -24.38
CA PRO C 42 1.98 -17.36 -25.81
C PRO C 42 0.81 -17.81 -26.68
N GLY C 43 0.63 -17.11 -27.80
CA GLY C 43 -0.50 -17.34 -28.68
C GLY C 43 -1.83 -16.80 -28.18
N THR C 44 -1.90 -16.24 -26.98
CA THR C 44 -3.22 -15.80 -26.54
C THR C 44 -3.33 -14.27 -26.58
N PRO C 45 -4.53 -13.71 -26.70
CA PRO C 45 -4.64 -12.26 -26.84
C PRO C 45 -4.32 -11.53 -25.55
N ALA C 46 -3.78 -10.32 -25.69
CA ALA C 46 -3.59 -9.45 -24.54
C ALA C 46 -4.89 -8.80 -24.09
N PHE C 47 -5.87 -8.67 -24.98
CA PHE C 47 -7.15 -8.05 -24.65
C PHE C 47 -8.27 -8.78 -25.38
N TRP C 48 -9.34 -9.12 -24.67
CA TRP C 48 -10.51 -9.73 -25.31
C TRP C 48 -11.77 -9.27 -24.61
N VAL C 49 -12.87 -9.28 -25.37
CA VAL C 49 -14.17 -8.78 -24.93
C VAL C 49 -15.25 -9.73 -25.37
N SER C 50 -16.19 -10.02 -24.47
CA SER C 50 -17.45 -10.67 -24.83
C SER C 50 -18.61 -9.73 -24.51
N GLY C 51 -19.64 -9.75 -25.37
CA GLY C 51 -20.85 -8.96 -25.16
C GLY C 51 -22.06 -9.84 -25.03
N TRP C 52 -22.88 -9.57 -23.99
CA TRP C 52 -23.95 -10.47 -23.61
C TRP C 52 -25.29 -9.75 -23.60
N LEU C 53 -26.30 -10.41 -24.18
CA LEU C 53 -27.70 -10.04 -24.05
C LEU C 53 -28.33 -11.06 -23.10
N GLY C 54 -28.49 -10.66 -21.85
CA GLY C 54 -28.97 -11.59 -20.86
C GLY C 54 -27.92 -12.65 -20.61
N PRO C 55 -28.31 -13.93 -20.69
CA PRO C 55 -27.34 -15.02 -20.52
C PRO C 55 -26.67 -15.49 -21.80
N GLN C 56 -26.92 -14.83 -22.94
CA GLN C 56 -26.46 -15.29 -24.24
C GLN C 56 -25.39 -14.35 -24.79
N GLN C 57 -24.29 -14.93 -25.28
CA GLN C 57 -23.21 -14.14 -25.84
C GLN C 57 -23.48 -13.88 -27.32
N TYR C 58 -23.51 -12.62 -27.71
CA TYR C 58 -23.72 -12.30 -29.10
C TYR C 58 -22.49 -11.71 -29.77
N LEU C 59 -21.48 -11.31 -29.01
CA LEU C 59 -20.34 -10.59 -29.58
C LEU C 59 -19.04 -11.10 -28.99
N SER C 60 -18.00 -11.13 -29.81
CA SER C 60 -16.66 -11.37 -29.30
C SER C 60 -15.68 -10.45 -30.02
N TYR C 61 -14.56 -10.23 -29.35
CA TYR C 61 -13.46 -9.42 -29.86
C TYR C 61 -12.21 -9.85 -29.13
N ASN C 62 -11.09 -9.94 -29.86
CA ASN C 62 -9.81 -10.16 -29.22
C ASN C 62 -8.75 -9.32 -29.92
N SER C 63 -7.67 -9.02 -29.18
CA SER C 63 -6.63 -8.14 -29.70
C SER C 63 -5.78 -8.79 -30.79
N LEU C 64 -5.83 -10.12 -30.95
CA LEU C 64 -5.06 -10.75 -32.02
C LEU C 64 -5.70 -10.52 -33.38
N ARG C 65 -7.03 -10.59 -33.44
CA ARG C 65 -7.77 -10.49 -34.68
C ARG C 65 -8.27 -9.07 -34.92
N GLY C 66 -8.66 -8.36 -33.87
CA GLY C 66 -9.01 -6.96 -34.00
C GLY C 66 -10.32 -6.68 -34.69
N GLU C 67 -11.28 -7.62 -34.64
CA GLU C 67 -12.57 -7.43 -35.30
C GLU C 67 -13.69 -7.88 -34.38
N ALA C 68 -14.71 -7.04 -34.23
CA ALA C 68 -15.91 -7.46 -33.50
C ALA C 68 -16.66 -8.51 -34.32
N GLU C 69 -17.07 -9.59 -33.66
CA GLU C 69 -17.67 -10.69 -34.40
C GLU C 69 -18.90 -11.22 -33.68
N PRO C 70 -19.91 -11.67 -34.42
CA PRO C 70 -21.10 -12.27 -33.80
C PRO C 70 -20.83 -13.68 -33.28
N CYS C 71 -21.65 -14.08 -32.30
CA CYS C 71 -21.60 -15.39 -31.67
C CYS C 71 -22.99 -16.02 -31.69
N GLY C 72 -23.00 -17.36 -31.72
CA GLY C 72 -24.27 -18.07 -31.72
C GLY C 72 -25.12 -17.70 -32.93
N ALA C 73 -26.39 -17.38 -32.67
CA ALA C 73 -27.35 -17.13 -33.75
C ALA C 73 -27.02 -15.86 -34.53
N TRP C 74 -26.55 -14.82 -33.84
CA TRP C 74 -26.31 -13.50 -34.44
C TRP C 74 -25.29 -13.52 -35.60
N VAL C 80 -26.49 -6.41 -39.52
CA VAL C 80 -26.30 -5.01 -39.86
C VAL C 80 -24.81 -4.69 -39.85
N SER C 81 -24.21 -4.63 -41.04
CA SER C 81 -22.76 -4.56 -41.14
C SER C 81 -22.20 -3.27 -40.53
N TRP C 82 -22.94 -2.16 -40.60
CA TRP C 82 -22.43 -0.92 -39.99
C TRP C 82 -22.27 -1.08 -38.49
N TYR C 83 -23.10 -1.94 -37.87
CA TYR C 83 -23.02 -2.13 -36.42
C TYR C 83 -21.70 -2.76 -36.03
N TRP C 84 -21.30 -3.80 -36.76
CA TRP C 84 -20.07 -4.51 -36.40
C TRP C 84 -18.83 -3.67 -36.71
N GLU C 85 -18.89 -2.86 -37.76
CA GLU C 85 -17.82 -1.91 -38.00
C GLU C 85 -17.71 -0.91 -36.86
N LYS C 86 -18.86 -0.48 -36.32
CA LYS C 86 -18.83 0.44 -35.19
C LYS C 86 -18.28 -0.23 -33.95
N GLU C 87 -18.71 -1.47 -33.68
CA GLU C 87 -18.18 -2.17 -32.51
C GLU C 87 -16.68 -2.37 -32.63
N THR C 88 -16.19 -2.68 -33.85
CA THR C 88 -14.75 -2.84 -34.07
C THR C 88 -14.01 -1.55 -33.77
N THR C 89 -14.56 -0.40 -34.23
CA THR C 89 -13.95 0.89 -33.91
C THR C 89 -13.85 1.12 -32.41
N ASP C 90 -14.94 0.88 -31.67
CA ASP C 90 -14.95 1.17 -30.24
C ASP C 90 -14.02 0.24 -29.47
N LEU C 91 -14.03 -1.04 -29.82
CA LEU C 91 -13.26 -2.01 -29.06
C LEU C 91 -11.77 -1.89 -29.34
N ARG C 92 -11.41 -1.44 -30.54
CA ARG C 92 -10.01 -1.09 -30.77
C ARG C 92 -9.61 0.07 -29.87
N ILE C 93 -10.51 1.04 -29.66
CA ILE C 93 -10.23 2.11 -28.73
C ILE C 93 -10.14 1.59 -27.30
N LYS C 94 -11.10 0.76 -26.89
CA LYS C 94 -11.03 0.17 -25.55
C LYS C 94 -9.74 -0.59 -25.36
N GLU C 95 -9.31 -1.32 -26.39
CA GLU C 95 -8.08 -2.11 -26.29
C GLU C 95 -6.90 -1.22 -25.93
N LYS C 96 -6.70 -0.14 -26.68
CA LYS C 96 -5.61 0.79 -26.40
C LYS C 96 -5.74 1.34 -24.98
N LEU C 97 -6.97 1.65 -24.58
CA LEU C 97 -7.21 2.19 -23.24
C LEU C 97 -6.77 1.19 -22.17
N PHE C 98 -7.20 -0.07 -22.31
CA PHE C 98 -6.86 -1.06 -21.30
C PHE C 98 -5.37 -1.31 -21.24
N LEU C 99 -4.71 -1.44 -22.39
CA LEU C 99 -3.26 -1.69 -22.36
C LEU C 99 -2.50 -0.49 -21.83
N GLU C 100 -2.99 0.73 -22.10
CA GLU C 100 -2.38 1.93 -21.52
C GLU C 100 -2.50 1.97 -20.00
N ALA C 101 -3.52 1.29 -19.42
CA ALA C 101 -3.63 1.22 -17.96
C ALA C 101 -2.38 0.62 -17.32
N PHE C 102 -1.78 -0.39 -17.97
CA PHE C 102 -0.58 -1.02 -17.43
C PHE C 102 0.60 -0.06 -17.45
N LYS C 103 0.66 0.81 -18.47
CA LYS C 103 1.69 1.83 -18.48
C LYS C 103 1.50 2.83 -17.35
N ALA C 104 0.26 3.13 -16.98
CA ALA C 104 0.04 4.06 -15.87
C ALA C 104 0.49 3.44 -14.55
N LEU C 105 0.28 2.14 -14.38
CA LEU C 105 0.73 1.50 -13.15
C LEU C 105 2.24 1.40 -13.06
N GLY C 106 2.91 1.25 -14.19
CA GLY C 106 4.33 0.99 -14.13
C GLY C 106 4.62 -0.40 -13.57
N GLY C 107 5.88 -0.57 -13.18
CA GLY C 107 6.32 -1.82 -12.60
C GLY C 107 6.26 -2.98 -13.58
N LYS C 108 6.38 -4.16 -13.00
CA LYS C 108 6.40 -5.42 -13.74
C LYS C 108 5.07 -6.17 -13.72
N GLY C 109 4.23 -5.94 -12.72
CA GLY C 109 3.05 -6.76 -12.56
C GLY C 109 3.42 -8.20 -12.22
N PRO C 110 2.95 -9.17 -13.02
CA PRO C 110 2.02 -8.96 -14.14
C PRO C 110 0.61 -8.64 -13.67
N TYR C 111 -0.15 -8.02 -14.55
CA TYR C 111 -1.44 -7.47 -14.22
C TYR C 111 -2.56 -8.12 -15.03
N THR C 112 -3.74 -8.17 -14.41
CA THR C 112 -5.01 -8.47 -15.06
C THR C 112 -5.96 -7.31 -14.80
N LEU C 113 -6.46 -6.68 -15.85
CA LEU C 113 -7.44 -5.61 -15.74
C LEU C 113 -8.77 -6.10 -16.32
N GLN C 114 -9.83 -6.02 -15.52
CA GLN C 114 -11.15 -6.43 -15.97
C GLN C 114 -12.12 -5.27 -15.90
N GLY C 115 -13.14 -5.34 -16.76
CA GLY C 115 -14.16 -4.32 -16.81
C GLY C 115 -15.53 -4.86 -17.16
N LEU C 116 -16.55 -4.36 -16.46
CA LEU C 116 -17.95 -4.67 -16.75
C LEU C 116 -18.65 -3.38 -17.13
N LEU C 117 -19.17 -3.33 -18.36
CA LEU C 117 -19.80 -2.12 -18.88
C LEU C 117 -21.14 -2.50 -19.53
N GLY C 118 -22.22 -1.93 -19.03
CA GLY C 118 -23.50 -2.10 -19.72
C GLY C 118 -24.70 -1.66 -18.89
N CYS C 119 -25.85 -2.29 -19.17
CA CYS C 119 -27.18 -1.87 -18.72
C CYS C 119 -27.98 -3.05 -18.19
N GLU C 120 -28.89 -2.74 -17.27
CA GLU C 120 -29.96 -3.64 -16.85
C GLU C 120 -31.29 -2.89 -16.89
N LEU C 121 -32.33 -3.60 -17.26
CA LEU C 121 -33.70 -3.07 -17.21
C LEU C 121 -34.44 -3.81 -16.12
N GLY C 122 -34.74 -3.12 -15.02
CA GLY C 122 -35.41 -3.74 -13.90
C GLY C 122 -36.93 -3.74 -14.07
N PRO C 123 -37.61 -4.48 -13.19
CA PRO C 123 -39.08 -4.55 -13.28
C PRO C 123 -39.75 -3.21 -13.08
N ASP C 124 -39.06 -2.25 -12.45
CA ASP C 124 -39.54 -0.90 -12.25
C ASP C 124 -39.40 -0.02 -13.50
N ASN C 125 -38.78 -0.56 -14.56
CA ASN C 125 -38.56 0.06 -15.87
C ASN C 125 -37.33 0.95 -15.89
N THR C 126 -36.51 0.95 -14.86
CA THR C 126 -35.34 1.82 -14.83
C THR C 126 -34.14 1.15 -15.47
N SER C 127 -33.43 1.91 -16.30
CA SER C 127 -32.11 1.49 -16.75
C SER C 127 -31.12 1.74 -15.62
N VAL C 128 -30.48 0.68 -15.15
CA VAL C 128 -29.39 0.74 -14.18
C VAL C 128 -28.10 0.40 -14.90
N PRO C 129 -27.15 1.33 -14.99
CA PRO C 129 -25.88 1.05 -15.67
C PRO C 129 -24.85 0.42 -14.74
N THR C 130 -23.89 -0.25 -15.37
CA THR C 130 -22.76 -0.84 -14.68
C THR C 130 -21.49 -0.34 -15.33
N ALA C 131 -20.56 0.16 -14.52
CA ALA C 131 -19.24 0.55 -15.03
C ALA C 131 -18.25 0.32 -13.89
N LYS C 132 -17.76 -0.92 -13.79
CA LYS C 132 -16.89 -1.40 -12.72
C LYS C 132 -15.63 -2.02 -13.32
N PHE C 133 -14.55 -1.97 -12.54
CA PHE C 133 -13.25 -2.42 -12.98
C PHE C 133 -12.53 -3.12 -11.85
N ALA C 134 -11.87 -4.23 -12.18
CA ALA C 134 -11.08 -4.99 -11.21
C ALA C 134 -9.63 -5.07 -11.66
N LEU C 135 -8.72 -4.94 -10.70
CA LEU C 135 -7.29 -5.06 -10.94
C LEU C 135 -6.80 -6.29 -10.19
N ASN C 136 -6.20 -7.23 -10.92
CA ASN C 136 -5.76 -8.51 -10.37
C ASN C 136 -6.83 -9.18 -9.50
N GLY C 137 -8.06 -9.20 -10.00
CA GLY C 137 -9.16 -9.87 -9.34
C GLY C 137 -9.84 -9.08 -8.23
N GLU C 138 -9.44 -7.83 -7.99
CA GLU C 138 -10.05 -7.03 -6.92
C GLU C 138 -10.66 -5.77 -7.50
N GLU C 139 -11.91 -5.52 -7.14
CA GLU C 139 -12.57 -4.30 -7.62
C GLU C 139 -11.86 -3.08 -7.06
N PHE C 140 -11.59 -2.10 -7.93
CA PHE C 140 -10.78 -0.97 -7.50
C PHE C 140 -11.22 0.35 -8.12
N MET C 141 -12.05 0.34 -9.15
CA MET C 141 -12.37 1.55 -9.87
C MET C 141 -13.78 1.42 -10.43
N ASN C 142 -14.45 2.57 -10.59
CA ASN C 142 -15.71 2.58 -11.32
C ASN C 142 -15.82 3.90 -12.05
N PHE C 143 -16.84 4.02 -12.89
CA PHE C 143 -17.15 5.27 -13.56
C PHE C 143 -18.24 6.00 -12.78
N ASP C 144 -17.93 7.22 -12.37
CA ASP C 144 -18.84 8.04 -11.58
C ASP C 144 -19.64 8.90 -12.53
N LEU C 145 -20.97 8.67 -12.59
CA LEU C 145 -21.81 9.43 -13.51
C LEU C 145 -21.84 10.90 -13.17
N LYS C 146 -21.79 11.27 -11.88
CA LYS C 146 -21.87 12.69 -11.52
C LYS C 146 -20.62 13.45 -11.96
N GLN C 147 -19.44 12.96 -11.58
CA GLN C 147 -18.21 13.63 -11.98
C GLN C 147 -17.91 13.43 -13.46
N GLY C 148 -18.48 12.40 -14.08
CA GLY C 148 -18.10 12.02 -15.43
C GLY C 148 -16.65 11.59 -15.55
N THR C 149 -16.17 10.78 -14.63
CA THR C 149 -14.79 10.33 -14.68
C THR C 149 -14.65 9.05 -13.86
N TRP C 150 -13.62 8.29 -14.18
CA TRP C 150 -13.32 7.08 -13.43
C TRP C 150 -12.72 7.45 -12.07
N GLY C 151 -12.95 6.56 -11.10
CA GLY C 151 -12.41 6.81 -9.77
C GLY C 151 -12.49 5.58 -8.90
N GLY C 152 -11.69 5.62 -7.84
CA GLY C 152 -11.65 4.60 -6.81
C GLY C 152 -10.78 5.08 -5.66
N ASP C 153 -10.69 4.25 -4.63
CA ASP C 153 -10.15 4.70 -3.36
C ASP C 153 -8.62 4.80 -3.34
N TRP C 154 -7.91 4.03 -4.15
CA TRP C 154 -6.48 3.90 -3.95
C TRP C 154 -5.66 4.48 -5.11
N PRO C 155 -4.35 4.68 -4.92
CA PRO C 155 -3.52 5.30 -5.99
C PRO C 155 -3.61 4.65 -7.36
N GLU C 156 -3.79 3.34 -7.43
CA GLU C 156 -3.87 2.70 -8.74
C GLU C 156 -5.12 3.14 -9.51
N ALA C 157 -6.23 3.43 -8.82
CA ALA C 157 -7.41 3.96 -9.49
C ALA C 157 -7.17 5.36 -10.02
N LEU C 158 -6.63 6.24 -9.17
CA LEU C 158 -6.31 7.59 -9.63
C LEU C 158 -5.37 7.54 -10.83
N ALA C 159 -4.33 6.70 -10.75
CA ALA C 159 -3.33 6.71 -11.82
C ALA C 159 -3.93 6.21 -13.12
N ILE C 160 -4.80 5.20 -13.06
CA ILE C 160 -5.37 4.70 -14.31
C ILE C 160 -6.45 5.65 -14.81
N SER C 161 -7.31 6.13 -13.92
CA SER C 161 -8.30 7.13 -14.32
C SER C 161 -7.64 8.29 -15.05
N GLN C 162 -6.56 8.84 -14.48
CA GLN C 162 -5.93 10.00 -15.09
C GLN C 162 -5.31 9.67 -16.45
N ARG C 163 -4.79 8.45 -16.63
CA ARG C 163 -4.32 8.07 -17.96
C ARG C 163 -5.46 8.06 -18.96
N TRP C 164 -6.61 7.49 -18.56
CA TRP C 164 -7.78 7.42 -19.43
C TRP C 164 -8.36 8.81 -19.73
N GLN C 165 -8.31 9.73 -18.75
CA GLN C 165 -8.82 11.07 -19.02
C GLN C 165 -8.02 11.77 -20.10
N GLN C 166 -6.71 11.48 -20.21
CA GLN C 166 -5.93 12.06 -21.29
C GLN C 166 -6.34 11.54 -22.66
N GLN C 167 -7.11 10.46 -22.71
CA GLN C 167 -7.62 9.98 -23.99
C GLN C 167 -8.81 10.84 -24.40
N ASP C 168 -8.71 11.49 -25.55
CA ASP C 168 -9.75 12.42 -25.99
C ASP C 168 -11.10 11.74 -26.11
N LYS C 169 -12.13 12.43 -25.61
CA LYS C 169 -13.52 12.00 -25.75
C LYS C 169 -13.85 10.70 -25.00
N ALA C 170 -12.87 10.11 -24.31
CA ALA C 170 -13.07 8.78 -23.74
C ALA C 170 -14.08 8.80 -22.60
N ALA C 171 -14.01 9.81 -21.73
CA ALA C 171 -14.98 9.89 -20.63
C ALA C 171 -16.38 10.18 -21.16
N ASN C 172 -16.50 11.07 -22.15
CA ASN C 172 -17.81 11.38 -22.69
C ASN C 172 -18.41 10.15 -23.37
N LYS C 173 -17.60 9.38 -24.10
CA LYS C 173 -18.10 8.14 -24.71
C LYS C 173 -18.61 7.17 -23.66
N GLU C 174 -17.89 7.06 -22.54
CA GLU C 174 -18.34 6.19 -21.45
C GLU C 174 -19.68 6.65 -20.89
N LEU C 175 -19.80 7.95 -20.57
CA LEU C 175 -21.03 8.49 -20.02
C LEU C 175 -22.17 8.32 -21.00
N THR C 176 -21.94 8.71 -22.24
CA THR C 176 -22.96 8.54 -23.28
C THR C 176 -23.40 7.10 -23.39
N PHE C 177 -22.46 6.16 -23.36
CA PHE C 177 -22.82 4.75 -23.46
C PHE C 177 -23.70 4.34 -22.29
N LEU C 178 -23.29 4.66 -21.06
CA LEU C 178 -23.98 4.14 -19.90
C LEU C 178 -25.38 4.71 -19.77
N LEU C 179 -25.55 5.99 -20.09
CA LEU C 179 -26.82 6.66 -19.84
C LEU C 179 -27.76 6.68 -21.03
N PHE C 180 -27.24 6.58 -22.26
CA PHE C 180 -28.09 6.83 -23.41
C PHE C 180 -28.01 5.75 -24.49
N SER C 181 -26.78 5.42 -24.95
CA SER C 181 -26.65 4.43 -26.01
C SER C 181 -27.13 3.07 -25.54
N CYS C 182 -26.69 2.66 -24.38
CA CYS C 182 -26.88 1.27 -23.98
C CYS C 182 -28.32 0.98 -23.61
N PRO C 183 -29.00 1.82 -22.82
CA PRO C 183 -30.47 1.64 -22.67
C PRO C 183 -31.20 1.55 -24.01
N HIS C 184 -30.86 2.45 -24.93
CA HIS C 184 -31.48 2.46 -26.24
C HIS C 184 -31.25 1.15 -26.98
N ARG C 185 -30.00 0.69 -27.01
CA ARG C 185 -29.68 -0.55 -27.71
C ARG C 185 -30.35 -1.75 -27.05
N LEU C 186 -30.43 -1.75 -25.72
CA LEU C 186 -31.04 -2.89 -25.04
C LEU C 186 -32.48 -3.09 -25.49
N ARG C 187 -33.20 -2.00 -25.74
CA ARG C 187 -34.55 -2.11 -26.26
C ARG C 187 -34.56 -2.66 -27.68
N GLU C 188 -33.68 -2.14 -28.54
CA GLU C 188 -33.63 -2.59 -29.93
C GLU C 188 -33.22 -4.06 -30.02
N HIS C 189 -32.09 -4.42 -29.39
CA HIS C 189 -31.60 -5.81 -29.30
C HIS C 189 -32.60 -6.76 -28.65
N LEU C 190 -33.76 -6.24 -28.23
CA LEU C 190 -34.76 -7.05 -27.53
C LEU C 190 -35.89 -7.42 -28.48
N TRP C 199 -37.87 -18.67 -26.24
CA TRP C 199 -37.22 -19.98 -26.21
C TRP C 199 -37.33 -20.58 -24.82
N LYS C 200 -37.78 -21.84 -24.76
CA LYS C 200 -37.87 -22.55 -23.49
C LYS C 200 -37.75 -24.04 -23.78
N GLU C 201 -36.70 -24.66 -23.25
CA GLU C 201 -36.52 -26.12 -23.30
C GLU C 201 -36.55 -26.65 -21.87
N PRO C 202 -37.54 -27.44 -21.49
CA PRO C 202 -37.63 -27.92 -20.11
C PRO C 202 -36.52 -28.92 -19.81
N PRO C 203 -36.17 -29.09 -18.54
CA PRO C 203 -35.11 -30.03 -18.19
C PRO C 203 -35.62 -31.46 -18.18
N SER C 204 -34.71 -32.39 -18.41
CA SER C 204 -34.98 -33.80 -18.17
C SER C 204 -34.43 -34.15 -16.80
N MET C 205 -35.28 -34.72 -15.95
CA MET C 205 -34.96 -34.86 -14.54
C MET C 205 -34.53 -36.28 -14.20
N ARG C 206 -33.58 -36.38 -13.28
CA ARG C 206 -33.06 -37.63 -12.76
C ARG C 206 -32.84 -37.49 -11.27
N LEU C 207 -33.40 -38.39 -10.49
CA LEU C 207 -33.14 -38.45 -9.06
C LEU C 207 -32.53 -39.81 -8.75
N LYS C 208 -31.22 -39.83 -8.51
CA LYS C 208 -30.52 -41.07 -8.26
C LYS C 208 -29.89 -41.06 -6.88
N ALA C 209 -29.72 -42.25 -6.32
CA ALA C 209 -29.04 -42.43 -5.04
C ALA C 209 -27.76 -43.23 -5.26
N ARG C 210 -26.76 -42.94 -4.44
CA ARG C 210 -25.53 -43.69 -4.47
C ARG C 210 -25.07 -43.87 -3.03
N PRO C 211 -24.39 -44.97 -2.72
CA PRO C 211 -23.78 -45.11 -1.39
C PRO C 211 -22.83 -43.96 -1.13
N SER C 212 -22.88 -43.44 0.10
CA SER C 212 -22.04 -42.32 0.51
C SER C 212 -20.89 -42.82 1.37
N SER C 213 -21.20 -43.10 2.63
CA SER C 213 -20.32 -43.72 3.60
C SER C 213 -21.19 -44.62 4.43
N PRO C 214 -20.64 -45.69 5.04
CA PRO C 214 -21.45 -46.59 5.86
C PRO C 214 -22.40 -45.85 6.80
N GLY C 215 -23.69 -46.14 6.66
CA GLY C 215 -24.74 -45.44 7.38
C GLY C 215 -25.51 -44.42 6.57
N PHE C 216 -25.04 -44.08 5.36
CA PHE C 216 -25.64 -42.98 4.61
C PHE C 216 -25.52 -43.19 3.11
N SER C 217 -26.48 -42.62 2.38
CA SER C 217 -26.40 -42.46 0.94
C SER C 217 -26.49 -40.98 0.59
N VAL C 218 -26.19 -40.67 -0.67
CA VAL C 218 -26.35 -39.33 -1.22
C VAL C 218 -27.34 -39.41 -2.37
N LEU C 219 -28.42 -38.63 -2.28
CA LEU C 219 -29.32 -38.44 -3.40
C LEU C 219 -28.85 -37.26 -4.22
N THR C 220 -28.82 -37.41 -5.53
CA THR C 220 -28.53 -36.28 -6.40
C THR C 220 -29.70 -36.11 -7.35
N CYS C 221 -30.21 -34.88 -7.42
CA CYS C 221 -31.27 -34.51 -8.33
C CYS C 221 -30.65 -33.68 -9.44
N SER C 222 -30.83 -34.10 -10.68
CA SER C 222 -30.14 -33.48 -11.80
C SER C 222 -31.14 -33.01 -12.85
N ALA C 223 -30.88 -31.82 -13.40
CA ALA C 223 -31.64 -31.27 -14.51
C ALA C 223 -30.71 -31.17 -15.71
N PHE C 224 -31.01 -31.93 -16.75
CA PHE C 224 -30.21 -31.96 -17.96
C PHE C 224 -30.80 -31.03 -19.00
N SER C 225 -29.93 -30.23 -19.62
CA SER C 225 -30.18 -29.52 -20.88
C SER C 225 -31.47 -28.72 -20.90
N PHE C 226 -31.45 -27.51 -20.31
CA PHE C 226 -32.64 -26.69 -20.21
C PHE C 226 -32.27 -25.24 -20.50
N TYR C 227 -33.30 -24.44 -20.80
CA TYR C 227 -33.17 -23.00 -21.01
C TYR C 227 -34.55 -22.37 -20.81
N PRO C 228 -34.62 -21.21 -20.15
CA PRO C 228 -33.55 -20.33 -19.64
C PRO C 228 -32.80 -20.93 -18.44
N PRO C 229 -31.66 -20.35 -18.08
CA PRO C 229 -30.86 -20.92 -17.00
C PRO C 229 -31.52 -20.88 -15.62
N GLU C 230 -32.52 -20.06 -15.39
CA GLU C 230 -33.13 -20.04 -14.06
C GLU C 230 -33.82 -21.36 -13.78
N LEU C 231 -33.53 -21.93 -12.63
CA LEU C 231 -34.08 -23.24 -12.26
C LEU C 231 -33.85 -23.45 -10.78
N GLN C 232 -34.86 -23.99 -10.10
CA GLN C 232 -34.78 -24.28 -8.67
C GLN C 232 -35.10 -25.74 -8.43
N LEU C 233 -34.46 -26.30 -7.41
CA LEU C 233 -34.66 -27.68 -7.00
C LEU C 233 -34.84 -27.76 -5.49
N ARG C 234 -35.81 -28.58 -5.05
CA ARG C 234 -35.99 -28.83 -3.63
C ARG C 234 -36.26 -30.31 -3.39
N PHE C 235 -35.91 -30.77 -2.19
CA PHE C 235 -36.19 -32.13 -1.75
C PHE C 235 -37.36 -32.15 -0.77
N LEU C 236 -38.11 -33.27 -0.79
CA LEU C 236 -39.10 -33.58 0.24
C LEU C 236 -38.80 -34.98 0.78
N ARG C 237 -38.77 -35.11 2.12
CA ARG C 237 -38.82 -36.41 2.78
C ARG C 237 -40.24 -36.56 3.31
N ASN C 238 -40.96 -37.55 2.78
CA ASN C 238 -42.35 -37.81 3.11
C ASN C 238 -43.14 -36.51 3.23
N GLY C 239 -43.02 -35.67 2.20
CA GLY C 239 -43.84 -34.49 2.06
C GLY C 239 -43.38 -33.27 2.82
N LEU C 240 -42.22 -33.33 3.47
CA LEU C 240 -41.70 -32.22 4.26
C LEU C 240 -40.41 -31.73 3.62
N ALA C 241 -40.26 -30.42 3.52
CA ALA C 241 -39.09 -29.86 2.86
C ALA C 241 -37.82 -30.28 3.59
N ALA C 242 -36.74 -30.39 2.83
CA ALA C 242 -35.46 -30.82 3.36
C ALA C 242 -34.35 -30.21 2.52
N GLY C 243 -33.17 -30.11 3.12
CA GLY C 243 -32.03 -29.54 2.41
C GLY C 243 -32.10 -28.05 2.20
N THR C 244 -30.98 -27.47 1.76
CA THR C 244 -30.86 -26.02 1.63
C THR C 244 -31.37 -25.48 0.30
N GLY C 245 -31.61 -26.35 -0.68
CA GLY C 245 -31.91 -25.92 -2.03
C GLY C 245 -30.70 -25.62 -2.89
N GLN C 246 -29.55 -25.31 -2.29
CA GLN C 246 -28.33 -25.03 -3.03
C GLN C 246 -28.01 -26.18 -3.98
N GLY C 247 -27.41 -25.83 -5.11
CA GLY C 247 -26.96 -26.84 -6.04
C GLY C 247 -26.00 -26.24 -7.04
N ASP C 248 -25.34 -27.12 -7.77
CA ASP C 248 -24.38 -26.73 -8.77
C ASP C 248 -25.05 -26.48 -10.12
N PHE C 249 -24.65 -25.40 -10.79
CA PHE C 249 -25.09 -25.03 -12.12
C PHE C 249 -23.92 -25.09 -13.09
N GLY C 250 -24.23 -25.26 -14.37
CA GLY C 250 -23.21 -25.25 -15.40
C GLY C 250 -23.76 -25.14 -16.81
N PRO C 251 -22.99 -24.53 -17.71
CA PRO C 251 -23.43 -24.41 -19.10
C PRO C 251 -23.13 -25.65 -19.94
N ASN C 252 -23.93 -25.82 -20.98
CA ASN C 252 -23.64 -26.74 -22.08
C ASN C 252 -23.18 -25.95 -23.30
N SER C 253 -22.53 -26.66 -24.21
CA SER C 253 -21.94 -26.00 -25.37
C SER C 253 -22.95 -25.77 -26.49
N ASP C 254 -24.25 -25.93 -26.23
CA ASP C 254 -25.29 -25.62 -27.20
C ASP C 254 -26.22 -24.52 -26.71
N GLY C 255 -25.81 -23.78 -25.67
CA GLY C 255 -26.63 -22.74 -25.09
C GLY C 255 -27.57 -23.19 -23.99
N SER C 256 -27.73 -24.50 -23.77
CA SER C 256 -28.56 -24.98 -22.68
C SER C 256 -27.75 -25.05 -21.38
N PHE C 257 -28.38 -25.51 -20.30
CA PHE C 257 -27.74 -25.48 -19.00
C PHE C 257 -27.99 -26.79 -18.27
N HIS C 258 -27.22 -26.99 -17.21
CA HIS C 258 -27.23 -28.20 -16.42
C HIS C 258 -27.28 -27.80 -14.96
N ALA C 259 -27.90 -28.66 -14.15
CA ALA C 259 -27.99 -28.35 -12.73
C ALA C 259 -28.18 -29.65 -11.97
N SER C 260 -27.65 -29.68 -10.76
CA SER C 260 -27.87 -30.82 -9.90
C SER C 260 -27.85 -30.33 -8.48
N SER C 261 -28.55 -31.03 -7.61
CA SER C 261 -28.52 -30.72 -6.20
C SER C 261 -28.39 -32.03 -5.45
N SER C 262 -27.66 -32.02 -4.35
CA SER C 262 -27.37 -33.27 -3.66
C SER C 262 -27.72 -33.15 -2.18
N LEU C 263 -28.08 -34.27 -1.60
CA LEU C 263 -28.50 -34.34 -0.22
C LEU C 263 -28.07 -35.69 0.36
N THR C 264 -27.55 -35.65 1.59
CA THR C 264 -27.13 -36.85 2.31
C THR C 264 -28.26 -37.31 3.23
N VAL C 265 -28.60 -38.60 3.14
CA VAL C 265 -29.77 -39.16 3.80
C VAL C 265 -29.36 -40.47 4.48
N LYS C 266 -30.22 -40.96 5.37
CA LYS C 266 -29.96 -42.22 6.07
C LYS C 266 -30.16 -43.40 5.13
N SER C 267 -29.25 -44.37 5.20
CA SER C 267 -29.34 -45.59 4.41
C SER C 267 -30.69 -46.26 4.61
N GLY C 268 -31.23 -46.81 3.52
CA GLY C 268 -32.53 -47.45 3.58
C GLY C 268 -33.71 -46.51 3.75
N ASP C 269 -33.47 -45.22 3.84
CA ASP C 269 -34.53 -44.22 3.91
C ASP C 269 -34.59 -43.36 2.65
N GLU C 270 -33.97 -43.82 1.57
CA GLU C 270 -33.94 -43.06 0.32
C GLU C 270 -35.30 -43.05 -0.35
N HIS C 271 -36.12 -44.06 -0.08
CA HIS C 271 -37.42 -44.16 -0.75
C HIS C 271 -38.40 -43.11 -0.26
N HIS C 272 -38.11 -42.46 0.87
CA HIS C 272 -38.94 -41.40 1.43
C HIS C 272 -38.72 -40.07 0.76
N TYR C 273 -37.83 -39.98 -0.22
CA TYR C 273 -37.44 -38.70 -0.78
C TYR C 273 -37.90 -38.57 -2.22
N CYS C 274 -38.19 -37.33 -2.61
CA CYS C 274 -38.44 -36.96 -4.00
C CYS C 274 -37.90 -35.54 -4.22
N CYS C 275 -37.95 -35.10 -5.47
CA CYS C 275 -37.35 -33.85 -5.89
C CYS C 275 -38.38 -33.05 -6.66
N ILE C 276 -38.50 -31.76 -6.35
CA ILE C 276 -39.38 -30.85 -7.07
C ILE C 276 -38.51 -29.87 -7.83
N VAL C 277 -38.80 -29.69 -9.11
CA VAL C 277 -38.08 -28.72 -9.93
C VAL C 277 -39.05 -27.64 -10.38
N GLN C 278 -38.58 -26.40 -10.39
CA GLN C 278 -39.28 -25.26 -10.93
C GLN C 278 -38.49 -24.75 -12.13
N HIS C 279 -39.19 -24.55 -13.25
CA HIS C 279 -38.53 -24.05 -14.45
C HIS C 279 -39.58 -23.54 -15.43
N ALA C 280 -39.21 -22.49 -16.19
CA ALA C 280 -40.17 -21.86 -17.07
C ALA C 280 -40.57 -22.75 -18.24
N GLY C 281 -39.83 -23.83 -18.52
CA GLY C 281 -40.29 -24.78 -19.50
C GLY C 281 -41.37 -25.73 -19.01
N LEU C 282 -41.62 -25.73 -17.69
CA LEU C 282 -42.63 -26.57 -17.08
C LEU C 282 -43.86 -25.73 -16.78
N ALA C 283 -45.04 -26.29 -17.07
CA ALA C 283 -46.26 -25.52 -16.83
C ALA C 283 -46.59 -25.41 -15.35
N GLN C 284 -45.86 -26.13 -14.50
CA GLN C 284 -46.01 -26.12 -13.04
C GLN C 284 -44.90 -26.97 -12.50
N PRO C 285 -44.50 -26.77 -11.24
CA PRO C 285 -43.40 -27.57 -10.67
C PRO C 285 -43.66 -29.05 -10.88
N LEU C 286 -42.56 -29.79 -11.08
CA LEU C 286 -42.60 -31.20 -11.48
C LEU C 286 -41.96 -32.07 -10.40
N ARG C 287 -42.69 -33.10 -9.98
CA ARG C 287 -42.18 -34.06 -9.00
C ARG C 287 -41.33 -35.10 -9.69
N VAL C 288 -40.14 -35.34 -9.16
CA VAL C 288 -39.22 -36.32 -9.70
C VAL C 288 -39.04 -37.41 -8.67
N GLU C 289 -39.39 -38.63 -9.03
CA GLU C 289 -39.27 -39.73 -8.08
C GLU C 289 -37.94 -40.43 -8.27
N LEU C 290 -37.56 -41.20 -7.25
CA LEU C 290 -36.27 -41.86 -7.24
C LEU C 290 -36.18 -42.90 -8.34
N GLU C 291 -35.04 -42.94 -9.02
CA GLU C 291 -34.77 -43.92 -10.07
C GLU C 291 -34.92 -45.33 -9.53
N SER C 292 -35.78 -46.12 -10.18
CA SER C 292 -36.16 -47.43 -9.65
C SER C 292 -35.02 -48.44 -9.54
N PRO C 293 -34.08 -48.57 -10.51
CA PRO C 293 -33.17 -49.71 -10.34
C PRO C 293 -31.95 -49.40 -9.49
N ILE D 21 -4.71 -11.38 -6.47
CA ILE D 21 -5.22 -12.44 -5.61
C ILE D 21 -5.21 -13.75 -6.34
N GLN D 22 -5.53 -14.80 -5.59
CA GLN D 22 -5.62 -16.16 -6.12
C GLN D 22 -6.96 -16.76 -5.71
N ARG D 23 -7.65 -17.38 -6.67
CA ARG D 23 -8.84 -18.16 -6.39
C ARG D 23 -8.71 -19.52 -7.05
N THR D 24 -8.97 -20.55 -6.30
CA THR D 24 -8.80 -21.89 -6.83
C THR D 24 -10.05 -22.34 -7.61
N PRO D 25 -9.88 -23.16 -8.65
CA PRO D 25 -11.02 -23.50 -9.51
C PRO D 25 -12.00 -24.49 -8.87
N LYS D 26 -13.28 -24.27 -9.15
CA LYS D 26 -14.32 -25.27 -8.96
C LYS D 26 -14.44 -26.05 -10.26
N ILE D 27 -14.62 -27.36 -10.15
CA ILE D 27 -14.57 -28.24 -11.31
C ILE D 27 -15.85 -29.07 -11.31
N GLN D 28 -16.65 -28.96 -12.37
CA GLN D 28 -17.80 -29.83 -12.55
C GLN D 28 -17.67 -30.63 -13.84
N VAL D 29 -18.02 -31.91 -13.77
CA VAL D 29 -17.99 -32.82 -14.93
C VAL D 29 -19.38 -33.44 -15.06
N TYR D 30 -20.00 -33.26 -16.22
CA TYR D 30 -21.35 -33.78 -16.42
C TYR D 30 -21.60 -34.01 -17.92
N SER D 31 -22.54 -34.91 -18.20
CA SER D 31 -22.96 -35.14 -19.58
C SER D 31 -24.06 -34.17 -19.96
N ARG D 32 -24.14 -33.83 -21.24
CA ARG D 32 -25.19 -32.91 -21.69
C ARG D 32 -26.57 -33.53 -21.48
N HIS D 33 -26.74 -34.79 -21.87
CA HIS D 33 -27.96 -35.54 -21.67
C HIS D 33 -27.70 -36.73 -20.76
N PRO D 34 -28.74 -37.29 -20.14
CA PRO D 34 -28.58 -38.53 -19.36
C PRO D 34 -27.85 -39.60 -20.18
N ALA D 35 -26.83 -40.19 -19.57
CA ALA D 35 -25.94 -41.10 -20.28
C ALA D 35 -26.60 -42.45 -20.57
N GLU D 36 -26.46 -42.91 -21.80
CA GLU D 36 -26.89 -44.24 -22.21
C GLU D 36 -25.79 -44.88 -23.02
N ASN D 37 -25.39 -46.10 -22.63
CA ASN D 37 -24.31 -46.79 -23.31
C ASN D 37 -24.66 -47.03 -24.78
N GLY D 38 -23.75 -46.64 -25.68
CA GLY D 38 -23.98 -46.74 -27.10
C GLY D 38 -24.59 -45.52 -27.75
N LYS D 39 -25.14 -44.59 -26.97
CA LYS D 39 -25.76 -43.38 -27.52
C LYS D 39 -24.78 -42.21 -27.41
N SER D 40 -24.56 -41.53 -28.54
CA SER D 40 -23.72 -40.35 -28.58
C SER D 40 -24.22 -39.28 -27.60
N ASN D 41 -23.31 -38.40 -27.21
CA ASN D 41 -23.59 -37.46 -26.11
C ASN D 41 -22.46 -36.44 -26.09
N PHE D 42 -22.53 -35.51 -25.14
CA PHE D 42 -21.46 -34.56 -24.92
C PHE D 42 -20.98 -34.66 -23.48
N LEU D 43 -19.68 -34.58 -23.29
CA LEU D 43 -19.05 -34.61 -21.98
C LEU D 43 -18.52 -33.21 -21.71
N ASN D 44 -18.93 -32.62 -20.60
CA ASN D 44 -18.52 -31.26 -20.24
C ASN D 44 -17.66 -31.27 -19.00
N CYS D 45 -16.67 -30.39 -18.98
CA CYS D 45 -15.93 -30.06 -17.77
C CYS D 45 -16.02 -28.55 -17.56
N TYR D 46 -16.83 -28.13 -16.59
CA TYR D 46 -16.99 -26.73 -16.27
C TYR D 46 -16.02 -26.36 -15.17
N VAL D 47 -15.15 -25.41 -15.44
CA VAL D 47 -14.10 -24.98 -14.53
C VAL D 47 -14.31 -23.49 -14.29
N SER D 48 -14.50 -23.11 -13.03
CA SER D 48 -15.00 -21.77 -12.74
C SER D 48 -14.47 -21.29 -11.40
N GLY D 49 -14.62 -19.98 -11.17
CA GLY D 49 -14.23 -19.38 -9.92
C GLY D 49 -12.75 -19.13 -9.71
N PHE D 50 -11.94 -19.10 -10.77
CA PHE D 50 -10.50 -19.07 -10.57
C PHE D 50 -9.92 -17.73 -10.97
N HIS D 51 -8.74 -17.46 -10.40
CA HIS D 51 -7.98 -16.25 -10.62
C HIS D 51 -6.55 -16.55 -10.17
N PRO D 52 -5.54 -16.19 -10.99
CA PRO D 52 -5.74 -15.53 -12.28
C PRO D 52 -6.19 -16.50 -13.39
N SER D 53 -6.20 -16.02 -14.63
CA SER D 53 -6.95 -16.67 -15.71
C SER D 53 -6.16 -17.77 -16.43
N ASP D 54 -4.87 -17.93 -16.16
CA ASP D 54 -4.12 -19.03 -16.75
C ASP D 54 -4.56 -20.35 -16.12
N ILE D 55 -4.85 -21.32 -16.96
CA ILE D 55 -5.35 -22.61 -16.50
C ILE D 55 -5.08 -23.63 -17.59
N GLU D 56 -4.75 -24.85 -17.19
CA GLU D 56 -4.69 -25.99 -18.10
C GLU D 56 -5.82 -26.95 -17.77
N VAL D 57 -6.56 -27.37 -18.78
CA VAL D 57 -7.67 -28.30 -18.60
C VAL D 57 -7.57 -29.38 -19.67
N ASP D 58 -7.76 -30.64 -19.27
CA ASP D 58 -7.81 -31.77 -20.19
C ASP D 58 -8.97 -32.68 -19.84
N LEU D 59 -9.58 -33.27 -20.87
CA LEU D 59 -10.53 -34.36 -20.66
C LEU D 59 -9.79 -35.68 -20.83
N LEU D 60 -10.05 -36.62 -19.94
CA LEU D 60 -9.38 -37.89 -19.97
C LEU D 60 -10.35 -39.01 -20.33
N LYS D 61 -9.82 -40.02 -21.01
CA LYS D 61 -10.52 -41.26 -21.28
C LYS D 61 -9.61 -42.40 -20.84
N ASN D 62 -10.06 -43.18 -19.86
CA ASN D 62 -9.25 -44.24 -19.27
C ASN D 62 -7.86 -43.73 -18.95
N GLY D 63 -7.81 -42.54 -18.34
CA GLY D 63 -6.57 -41.98 -17.85
C GLY D 63 -5.71 -41.28 -18.86
N GLU D 64 -6.13 -41.15 -20.13
CA GLU D 64 -5.31 -40.54 -21.17
C GLU D 64 -6.03 -39.35 -21.80
N ARG D 65 -5.26 -38.29 -22.10
CA ARG D 65 -5.80 -37.05 -22.63
C ARG D 65 -6.50 -37.27 -23.97
N ILE D 66 -7.69 -36.71 -24.08
CA ILE D 66 -8.44 -36.70 -25.34
C ILE D 66 -7.97 -35.53 -26.17
N GLU D 67 -7.93 -35.69 -27.49
CA GLU D 67 -7.35 -34.65 -28.34
C GLU D 67 -8.38 -33.74 -29.02
N LYS D 68 -9.45 -34.32 -29.58
CA LYS D 68 -10.43 -33.49 -30.29
C LYS D 68 -11.38 -32.86 -29.26
N VAL D 69 -10.84 -31.86 -28.54
CA VAL D 69 -11.53 -31.28 -27.39
C VAL D 69 -11.70 -29.78 -27.59
N GLU D 70 -12.95 -29.32 -27.64
CA GLU D 70 -13.26 -27.91 -27.78
C GLU D 70 -13.48 -27.27 -26.41
N HIS D 71 -13.37 -25.94 -26.39
CA HIS D 71 -13.64 -25.20 -25.18
C HIS D 71 -14.16 -23.83 -25.58
N SER D 72 -14.90 -23.21 -24.67
CA SER D 72 -15.47 -21.88 -24.89
C SER D 72 -14.41 -20.82 -24.64
N ASP D 73 -14.79 -19.56 -24.89
CA ASP D 73 -13.91 -18.45 -24.56
C ASP D 73 -13.87 -18.22 -23.06
N LEU D 74 -12.66 -18.08 -22.54
CA LEU D 74 -12.40 -17.56 -21.22
C LEU D 74 -13.25 -16.31 -20.95
N SER D 75 -14.13 -16.38 -19.97
CA SER D 75 -14.90 -15.22 -19.57
C SER D 75 -14.86 -15.11 -18.05
N PHE D 76 -15.69 -14.24 -17.46
CA PHE D 76 -15.69 -14.13 -16.01
C PHE D 76 -17.08 -13.75 -15.51
N SER D 77 -17.26 -13.92 -14.20
CA SER D 77 -18.54 -13.75 -13.54
C SER D 77 -18.57 -12.43 -12.76
N LYS D 78 -19.69 -12.18 -12.08
CA LYS D 78 -19.86 -10.90 -11.39
C LYS D 78 -18.78 -10.66 -10.35
N ASP D 79 -18.33 -11.73 -9.67
CA ASP D 79 -17.27 -11.59 -8.69
C ASP D 79 -15.87 -11.53 -9.31
N TRP D 80 -15.80 -11.39 -10.64
CA TRP D 80 -14.61 -11.24 -11.45
C TRP D 80 -13.84 -12.54 -11.63
N SER D 81 -14.26 -13.65 -11.03
CA SER D 81 -13.55 -14.89 -11.21
C SER D 81 -13.83 -15.44 -12.60
N PHE D 82 -12.86 -16.13 -13.16
CA PHE D 82 -12.94 -16.63 -14.53
C PHE D 82 -13.60 -18.01 -14.60
N TYR D 83 -14.09 -18.36 -15.79
CA TYR D 83 -14.71 -19.65 -16.02
C TYR D 83 -14.53 -20.06 -17.48
N LEU D 84 -14.51 -21.36 -17.71
CA LEU D 84 -14.22 -22.00 -18.99
C LEU D 84 -15.02 -23.28 -19.07
N LEU D 85 -15.66 -23.52 -20.22
CA LEU D 85 -16.29 -24.82 -20.51
C LEU D 85 -15.46 -25.61 -21.51
N TYR D 86 -15.00 -26.80 -21.12
CA TYR D 86 -14.39 -27.76 -22.04
C TYR D 86 -15.40 -28.86 -22.36
N TYR D 87 -15.39 -29.33 -23.60
CA TYR D 87 -16.41 -30.29 -24.00
C TYR D 87 -15.94 -31.10 -25.20
N THR D 88 -16.56 -32.26 -25.36
CA THR D 88 -16.29 -33.14 -26.48
C THR D 88 -17.48 -34.05 -26.72
N GLU D 89 -17.72 -34.36 -28.00
CA GLU D 89 -18.69 -35.39 -28.34
C GLU D 89 -18.10 -36.76 -28.03
N PHE D 90 -18.92 -37.63 -27.44
CA PHE D 90 -18.44 -38.97 -27.13
C PHE D 90 -19.63 -39.92 -27.07
N THR D 91 -19.33 -41.21 -27.17
CA THR D 91 -20.34 -42.26 -27.01
C THR D 91 -19.97 -43.13 -25.82
N PRO D 92 -20.64 -42.99 -24.68
CA PRO D 92 -20.23 -43.73 -23.49
C PRO D 92 -20.50 -45.22 -23.65
N THR D 93 -19.66 -46.01 -22.99
CA THR D 93 -19.80 -47.46 -22.91
C THR D 93 -19.79 -47.86 -21.44
N GLU D 94 -19.89 -49.17 -21.20
CA GLU D 94 -19.86 -49.67 -19.83
C GLU D 94 -18.48 -49.48 -19.22
N LYS D 95 -17.42 -49.83 -19.97
CA LYS D 95 -16.07 -49.91 -19.44
C LYS D 95 -15.29 -48.60 -19.50
N ASP D 96 -15.70 -47.64 -20.32
CA ASP D 96 -14.89 -46.45 -20.53
C ASP D 96 -15.07 -45.47 -19.38
N GLU D 97 -13.96 -44.96 -18.88
CA GLU D 97 -13.92 -44.09 -17.71
C GLU D 97 -13.45 -42.71 -18.14
N TYR D 98 -14.20 -41.67 -17.77
CA TYR D 98 -13.91 -40.30 -18.19
C TYR D 98 -13.62 -39.40 -16.99
N ALA D 99 -12.77 -38.40 -17.21
CA ALA D 99 -12.42 -37.50 -16.11
C ALA D 99 -11.96 -36.17 -16.68
N CYS D 100 -11.70 -35.26 -15.75
CA CYS D 100 -11.22 -33.92 -16.09
C CYS D 100 -9.97 -33.63 -15.25
N ARG D 101 -8.92 -33.17 -15.92
CA ARG D 101 -7.66 -32.83 -15.27
C ARG D 101 -7.49 -31.33 -15.35
N VAL D 102 -7.37 -30.68 -14.19
CA VAL D 102 -7.26 -29.25 -14.12
C VAL D 102 -5.96 -28.92 -13.42
N ASN D 103 -5.18 -28.01 -14.01
CA ASN D 103 -3.98 -27.50 -13.38
C ASN D 103 -4.04 -25.98 -13.34
N HIS D 104 -3.64 -25.41 -12.20
CA HIS D 104 -3.77 -23.99 -11.93
C HIS D 104 -2.79 -23.68 -10.82
N VAL D 105 -2.35 -22.42 -10.76
CA VAL D 105 -1.28 -22.01 -9.85
C VAL D 105 -1.68 -22.24 -8.40
N THR D 106 -2.98 -22.23 -8.09
CA THR D 106 -3.41 -22.46 -6.72
C THR D 106 -3.32 -23.91 -6.29
N LEU D 107 -2.85 -24.82 -7.16
CA LEU D 107 -2.88 -26.25 -6.91
C LEU D 107 -1.46 -26.80 -6.81
N SER D 108 -1.14 -27.42 -5.67
CA SER D 108 0.12 -28.16 -5.54
C SER D 108 0.24 -29.22 -6.65
N GLN D 109 -0.78 -30.06 -6.78
CA GLN D 109 -0.85 -31.00 -7.87
C GLN D 109 -2.12 -30.74 -8.66
N PRO D 110 -2.13 -31.08 -9.95
CA PRO D 110 -3.38 -30.98 -10.72
C PRO D 110 -4.49 -31.80 -10.08
N LYS D 111 -5.72 -31.34 -10.28
CA LYS D 111 -6.88 -32.11 -9.85
C LYS D 111 -7.39 -32.96 -11.00
N ILE D 112 -7.80 -34.18 -10.69
CA ILE D 112 -8.51 -35.03 -11.63
C ILE D 112 -9.88 -35.34 -11.03
N VAL D 113 -10.94 -34.93 -11.74
CA VAL D 113 -12.30 -35.15 -11.29
C VAL D 113 -12.98 -36.12 -12.26
N LYS D 114 -13.42 -37.25 -11.73
CA LYS D 114 -14.03 -38.28 -12.56
C LYS D 114 -15.42 -37.86 -12.98
N TRP D 115 -15.81 -38.28 -14.18
CA TRP D 115 -17.21 -38.25 -14.57
C TRP D 115 -17.93 -39.35 -13.80
N ASP D 116 -18.65 -38.97 -12.74
CA ASP D 116 -19.32 -39.92 -11.87
C ASP D 116 -20.68 -40.29 -12.47
N ARG D 117 -20.79 -41.53 -12.95
CA ARG D 117 -21.98 -41.95 -13.68
C ARG D 117 -23.11 -42.41 -12.77
N ASP D 118 -22.84 -42.67 -11.48
CA ASP D 118 -23.91 -43.02 -10.55
C ASP D 118 -24.56 -41.80 -9.94
N MET D 119 -23.96 -40.63 -10.15
CA MET D 119 -24.50 -39.39 -9.68
C MET D 119 -25.70 -39.04 -10.56
#